data_1LGC
#
_entry.id   1LGC
#
_cell.length_a   117.000
_cell.length_b   117.000
_cell.length_c   120.100
_cell.angle_alpha   90.00
_cell.angle_beta   90.00
_cell.angle_gamma   90.00
#
_symmetry.space_group_name_H-M   'P 43 21 2'
#
loop_
_entity.id
_entity.type
_entity.pdbx_description
1 polymer 'Lectin beta-1 and beta-2 chains'
2 polymer DIPEPTIDE
3 polymer 'Mannose/glucose-specific lectin alpha 2 chain'
4 branched alpha-L-fucopyranose-(1-3)-[beta-D-galactopyranose-(1-4)]2-acetamido-2-deoxy-beta-D-glucopyranose-(1-2)-alpha-D-mannopyranose-(1-3)-[2-acetamido-2-deoxy-beta-D-glucopyranose-(1-2)-alpha-D-mannopyranose-(1-6)]beta-D-mannopyranose-(1-4)-2-acetamido-2-deoxy-beta-D-glucopyranose-(1-4)-[alpha-L-fucopyranose-(1-6)]2-acetamido-2-deoxy-beta-D-glucopyranose
5 branched 'N-acetyl-alpha-neuraminic acid-(2-6)-beta-D-galactopyranose-(1-4)-2-acetamido-2-deoxy-beta-D-glucopyranose-(1-2)-alpha-D-mannopyranose-(1-3)-[alpha-D-mannopyranose-(1-6)]beta-D-mannopyranose-(1-4)-2-acetamido-2-deoxy-beta-D-glucopyranose-(1-4)-[alpha-L-fucopyranose-(1-6)]2-acetamido-2-deoxy-beta-D-glucopyranose'
6 non-polymer 'CALCIUM ION'
7 non-polymer 'MANGANESE (II) ION'
8 non-polymer (4S)-2-METHYL-2,4-PENTANEDIOL
9 water water
#
loop_
_entity_poly.entity_id
_entity_poly.type
_entity_poly.pdbx_seq_one_letter_code
_entity_poly.pdbx_strand_id
1 'polypeptide(L)'
;TETTSFSITKFGPDQPNLIFQGDGYTTKERLTLTKAVRNTVGRALYSSPIHIWDSKTGNVANFVTSFTFVIDAPNSYNVA
DGFTFFIAPVDTKPQTGGGYLGVFNSKDYDKTSQTVAVEFDTFYNTAWDPSNGDRHIGIDVNSIKSINTKSWKLQNGKEA
NVVIAFNGATNVLTVSLTYPN
;
A,C,E
2 'polypeptide(L)' NQ H,I,J
3 'polypeptide(L)' ETSYTLNEVVPLKEFVPEWVRIGFSATTGAEFAAHEVLSWYFNSELSVTSSSN B,D,F
#
# COMPACT_ATOMS: atom_id res chain seq x y z
N THR A 1 16.92 0.06 -10.97
CA THR A 1 16.17 -0.73 -11.96
C THR A 1 15.03 -1.47 -11.26
N GLU A 2 13.84 -0.90 -11.27
CA GLU A 2 12.71 -1.56 -10.64
C GLU A 2 12.47 -2.85 -11.42
N THR A 3 12.24 -3.96 -10.73
CA THR A 3 12.04 -5.23 -11.40
C THR A 3 11.05 -6.14 -10.69
N THR A 4 10.43 -7.02 -11.47
CA THR A 4 9.46 -7.97 -10.94
C THR A 4 9.51 -9.25 -11.78
N SER A 5 9.64 -10.39 -11.10
CA SER A 5 9.66 -11.68 -11.76
C SER A 5 9.09 -12.79 -10.90
N PHE A 6 8.69 -13.86 -11.57
CA PHE A 6 8.15 -15.03 -10.92
C PHE A 6 8.04 -16.13 -11.94
N SER A 7 8.13 -17.36 -11.47
CA SER A 7 8.00 -18.51 -12.33
C SER A 7 7.06 -19.39 -11.56
N ILE A 8 6.16 -20.05 -12.26
CA ILE A 8 5.21 -20.94 -11.63
C ILE A 8 5.16 -22.13 -12.56
N THR A 9 5.22 -23.34 -12.00
CA THR A 9 5.19 -24.53 -12.84
C THR A 9 4.41 -25.66 -12.15
N LYS A 10 3.64 -25.26 -11.15
CA LYS A 10 2.85 -26.16 -10.36
C LYS A 10 1.92 -25.29 -9.56
N PHE A 11 0.68 -25.14 -10.05
CA PHE A 11 -0.30 -24.35 -9.33
C PHE A 11 -0.90 -25.33 -8.33
N GLY A 12 -1.32 -24.83 -7.16
CA GLY A 12 -1.88 -25.74 -6.18
C GLY A 12 -3.12 -25.15 -5.56
N PRO A 13 -3.89 -25.94 -4.78
CA PRO A 13 -5.12 -25.48 -4.13
C PRO A 13 -4.80 -24.20 -3.39
N ASP A 14 -3.70 -24.22 -2.65
CA ASP A 14 -3.29 -23.04 -1.95
C ASP A 14 -2.07 -22.58 -2.73
N GLN A 15 -2.32 -21.63 -3.63
CA GLN A 15 -1.33 -21.00 -4.48
C GLN A 15 -1.63 -19.53 -4.32
N PRO A 16 -1.04 -18.88 -3.30
CA PRO A 16 -1.15 -17.47 -2.90
C PRO A 16 -0.55 -16.38 -3.79
N ASN A 17 0.31 -16.73 -4.74
CA ASN A 17 0.90 -15.74 -5.64
C ASN A 17 -0.23 -15.06 -6.42
N LEU A 18 -1.20 -15.87 -6.83
CA LEU A 18 -2.31 -15.36 -7.62
C LEU A 18 -3.53 -14.82 -6.89
N ILE A 19 -4.36 -14.17 -7.70
CA ILE A 19 -5.62 -13.57 -7.29
C ILE A 19 -6.63 -14.23 -8.22
N PHE A 20 -7.66 -14.82 -7.65
CA PHE A 20 -8.68 -15.44 -8.47
C PHE A 20 -9.94 -14.56 -8.55
N GLN A 21 -10.43 -14.41 -9.77
CA GLN A 21 -11.62 -13.63 -10.02
C GLN A 21 -12.55 -14.49 -10.85
N GLY A 22 -13.85 -14.26 -10.72
CA GLY A 22 -14.82 -15.04 -11.47
C GLY A 22 -14.75 -16.50 -11.08
N ASP A 23 -14.95 -17.37 -12.06
CA ASP A 23 -14.92 -18.80 -11.79
C ASP A 23 -13.51 -19.42 -11.92
N GLY A 24 -12.50 -18.60 -11.64
CA GLY A 24 -11.13 -19.08 -11.71
C GLY A 24 -10.78 -19.87 -10.47
N TYR A 25 -10.04 -20.95 -10.66
CA TYR A 25 -9.62 -21.79 -9.55
C TYR A 25 -8.44 -22.62 -10.03
N THR A 26 -7.68 -23.16 -9.09
CA THR A 26 -6.48 -23.92 -9.40
C THR A 26 -6.67 -25.41 -9.11
N THR A 27 -6.85 -26.19 -10.16
CA THR A 27 -7.07 -27.63 -10.02
C THR A 27 -6.19 -28.46 -10.93
N LYS A 28 -5.95 -29.70 -10.51
CA LYS A 28 -5.12 -30.64 -11.28
C LYS A 28 -3.72 -30.05 -11.50
N GLU A 29 -3.32 -29.18 -10.57
CA GLU A 29 -2.03 -28.50 -10.58
C GLU A 29 -1.94 -27.41 -11.65
N ARG A 30 -3.04 -27.16 -12.35
CA ARG A 30 -3.06 -26.16 -13.39
C ARG A 30 -4.04 -25.05 -13.06
N LEU A 31 -3.74 -23.86 -13.58
CA LEU A 31 -4.58 -22.70 -13.38
C LEU A 31 -5.77 -22.92 -14.30
N THR A 32 -6.95 -23.08 -13.70
CA THR A 32 -8.18 -23.30 -14.43
C THR A 32 -8.96 -22.00 -14.54
N LEU A 33 -9.06 -21.45 -15.74
CA LEU A 33 -9.81 -20.20 -15.91
C LEU A 33 -11.31 -20.46 -16.11
N THR A 34 -11.63 -21.42 -16.99
CA THR A 34 -13.02 -21.81 -17.22
C THR A 34 -13.02 -23.30 -17.56
N LYS A 35 -14.20 -23.89 -17.58
CA LYS A 35 -14.36 -25.29 -17.93
C LYS A 35 -15.39 -25.34 -19.06
N ALA A 36 -15.79 -26.54 -19.47
CA ALA A 36 -16.77 -26.69 -20.54
C ALA A 36 -18.18 -26.38 -20.02
N VAL A 37 -18.38 -25.13 -19.62
CA VAL A 37 -19.66 -24.70 -19.10
C VAL A 37 -20.02 -23.41 -19.83
N ARG A 38 -21.30 -23.09 -19.91
CA ARG A 38 -21.75 -21.89 -20.61
C ARG A 38 -21.66 -20.67 -19.73
N ASN A 39 -21.63 -19.51 -20.38
CA ASN A 39 -21.60 -18.22 -19.71
C ASN A 39 -20.73 -18.04 -18.45
N THR A 40 -19.48 -18.50 -18.48
CA THR A 40 -18.58 -18.31 -17.34
C THR A 40 -17.41 -17.41 -17.72
N VAL A 41 -16.77 -16.89 -16.68
CA VAL A 41 -15.63 -16.00 -16.80
C VAL A 41 -14.64 -16.33 -15.69
N GLY A 42 -13.43 -16.75 -16.06
CA GLY A 42 -12.45 -17.06 -15.03
C GLY A 42 -11.20 -16.25 -15.30
N ARG A 43 -10.82 -15.40 -14.35
CA ARG A 43 -9.61 -14.61 -14.47
C ARG A 43 -8.72 -14.83 -13.26
N ALA A 44 -7.41 -14.71 -13.45
CA ALA A 44 -6.44 -14.89 -12.37
C ALA A 44 -5.38 -13.81 -12.55
N LEU A 45 -5.02 -13.12 -11.48
CA LEU A 45 -4.03 -12.05 -11.55
C LEU A 45 -2.87 -12.27 -10.58
N TYR A 46 -1.68 -11.79 -10.94
CA TYR A 46 -0.52 -11.91 -10.07
C TYR A 46 -0.74 -10.90 -8.95
N SER A 47 -0.63 -11.36 -7.71
CA SER A 47 -0.87 -10.52 -6.55
C SER A 47 -0.11 -9.23 -6.50
N SER A 48 1.19 -9.29 -6.69
CA SER A 48 2.00 -8.07 -6.64
C SER A 48 1.83 -7.15 -7.85
N PRO A 49 1.65 -5.84 -7.63
CA PRO A 49 1.48 -4.88 -8.73
C PRO A 49 2.85 -4.68 -9.39
N ILE A 50 2.88 -4.40 -10.68
CA ILE A 50 4.14 -4.18 -11.38
C ILE A 50 4.21 -2.76 -11.92
N HIS A 51 5.40 -2.17 -11.84
CA HIS A 51 5.64 -0.81 -12.33
C HIS A 51 5.96 -0.91 -13.81
N ILE A 52 5.00 -0.54 -14.67
CA ILE A 52 5.18 -0.62 -16.13
C ILE A 52 5.87 0.58 -16.79
N TRP A 53 5.84 1.73 -16.12
CA TRP A 53 6.51 2.93 -16.63
C TRP A 53 6.56 4.00 -15.55
N ASP A 54 7.43 4.99 -15.75
CA ASP A 54 7.58 6.06 -14.77
C ASP A 54 7.34 7.46 -15.34
N SER A 55 6.59 8.26 -14.58
CA SER A 55 6.25 9.61 -14.99
C SER A 55 7.42 10.59 -15.01
N LYS A 56 8.14 10.70 -13.90
CA LYS A 56 9.25 11.67 -13.83
C LYS A 56 10.51 11.34 -14.62
N THR A 57 10.38 10.48 -15.62
CA THR A 57 11.48 10.11 -16.50
C THR A 57 10.84 9.81 -17.84
N GLY A 58 9.65 9.21 -17.80
CA GLY A 58 8.95 8.86 -19.01
C GLY A 58 9.42 7.50 -19.47
N ASN A 59 10.25 6.84 -18.66
CA ASN A 59 10.77 5.53 -18.99
C ASN A 59 9.64 4.52 -18.97
N VAL A 60 9.66 3.60 -19.92
CA VAL A 60 8.68 2.53 -20.01
C VAL A 60 9.44 1.24 -19.73
N ALA A 61 8.78 0.28 -19.10
CA ALA A 61 9.43 -0.96 -18.77
C ALA A 61 9.74 -1.77 -20.01
N ASN A 62 10.44 -2.87 -19.80
CA ASN A 62 10.85 -3.78 -20.84
C ASN A 62 10.48 -5.12 -20.24
N PHE A 63 9.61 -5.89 -20.88
CA PHE A 63 9.24 -7.16 -20.26
C PHE A 63 9.04 -8.38 -21.17
N VAL A 64 8.81 -9.52 -20.53
CA VAL A 64 8.58 -10.78 -21.21
C VAL A 64 7.79 -11.70 -20.29
N THR A 65 6.83 -12.42 -20.87
CA THR A 65 6.02 -13.40 -20.16
C THR A 65 5.99 -14.62 -21.07
N SER A 66 6.05 -15.78 -20.47
CA SER A 66 6.07 -17.02 -21.22
C SER A 66 5.07 -17.90 -20.52
N PHE A 67 4.16 -18.51 -21.26
CA PHE A 67 3.18 -19.41 -20.66
C PHE A 67 2.73 -20.47 -21.62
N THR A 68 2.33 -21.61 -21.05
CA THR A 68 1.83 -22.73 -21.82
C THR A 68 0.33 -22.81 -21.50
N PHE A 69 -0.52 -22.89 -22.51
CA PHE A 69 -1.95 -22.97 -22.24
C PHE A 69 -2.60 -24.08 -23.05
N VAL A 70 -3.79 -24.50 -22.61
CA VAL A 70 -4.55 -25.56 -23.28
C VAL A 70 -6.03 -25.18 -23.35
N ILE A 71 -6.57 -25.18 -24.56
CA ILE A 71 -7.98 -24.93 -24.74
C ILE A 71 -8.50 -26.30 -25.13
N ASP A 72 -9.29 -26.90 -24.26
CA ASP A 72 -9.84 -28.22 -24.51
C ASP A 72 -11.33 -28.10 -24.71
N ALA A 73 -11.77 -28.23 -25.95
CA ALA A 73 -13.19 -28.14 -26.27
C ALA A 73 -13.79 -29.53 -26.45
N PRO A 74 -15.01 -29.75 -25.91
CA PRO A 74 -15.68 -31.03 -26.04
C PRO A 74 -15.89 -31.35 -27.52
N ASN A 75 -16.28 -30.33 -28.27
CA ASN A 75 -16.50 -30.42 -29.71
C ASN A 75 -15.62 -29.39 -30.40
N SER A 76 -14.78 -29.84 -31.33
CA SER A 76 -13.87 -28.94 -32.03
C SER A 76 -14.50 -27.99 -33.06
N TYR A 77 -15.79 -28.15 -33.32
CA TYR A 77 -16.49 -27.29 -34.27
C TYR A 77 -17.00 -26.05 -33.56
N ASN A 78 -17.70 -26.27 -32.46
CA ASN A 78 -18.28 -25.20 -31.65
C ASN A 78 -17.39 -24.87 -30.46
N VAL A 79 -16.47 -23.93 -30.66
CA VAL A 79 -15.55 -23.52 -29.62
C VAL A 79 -15.76 -22.06 -29.28
N ALA A 80 -15.63 -21.73 -28.00
CA ALA A 80 -15.79 -20.35 -27.56
C ALA A 80 -15.41 -20.21 -26.08
N ASP A 81 -14.94 -19.02 -25.70
CA ASP A 81 -14.78 -17.94 -26.64
C ASP A 81 -13.33 -17.57 -26.83
N GLY A 82 -12.55 -17.51 -25.76
CA GLY A 82 -11.15 -17.17 -25.89
C GLY A 82 -10.38 -17.03 -24.58
N PHE A 83 -9.07 -17.13 -24.73
CA PHE A 83 -8.11 -17.01 -23.65
C PHE A 83 -7.50 -15.62 -23.80
N THR A 84 -6.82 -15.11 -22.78
CA THR A 84 -6.26 -13.77 -22.88
C THR A 84 -5.25 -13.42 -21.81
N PHE A 85 -4.15 -12.77 -22.20
CA PHE A 85 -3.18 -12.29 -21.21
C PHE A 85 -3.46 -10.80 -21.18
N PHE A 86 -3.62 -10.21 -20.01
CA PHE A 86 -3.93 -8.79 -19.96
C PHE A 86 -3.17 -7.94 -18.96
N ILE A 87 -3.08 -6.66 -19.29
CA ILE A 87 -2.43 -5.64 -18.50
C ILE A 87 -3.58 -4.67 -18.24
N ALA A 88 -3.94 -4.50 -16.97
CA ALA A 88 -5.04 -3.61 -16.63
C ALA A 88 -4.70 -2.86 -15.36
N PRO A 89 -5.50 -1.84 -14.99
CA PRO A 89 -5.22 -1.09 -13.77
C PRO A 89 -5.19 -1.98 -12.52
N VAL A 90 -4.47 -1.52 -11.52
CA VAL A 90 -4.30 -2.25 -10.28
C VAL A 90 -5.54 -2.87 -9.62
N ASP A 91 -6.71 -2.29 -9.86
CA ASP A 91 -7.96 -2.79 -9.26
C ASP A 91 -8.99 -3.41 -10.21
N THR A 92 -8.51 -4.11 -11.22
CA THR A 92 -9.35 -4.76 -12.21
C THR A 92 -10.28 -5.81 -11.63
N LYS A 93 -11.53 -5.81 -12.09
CA LYS A 93 -12.54 -6.78 -11.67
C LYS A 93 -13.00 -7.37 -12.99
N PRO A 94 -13.60 -8.57 -12.98
CA PRO A 94 -14.02 -9.12 -14.26
C PRO A 94 -15.04 -8.21 -14.92
N GLN A 95 -14.88 -7.99 -16.21
CA GLN A 95 -15.80 -7.16 -16.97
C GLN A 95 -16.78 -8.07 -17.70
N THR A 96 -17.34 -7.62 -18.83
CA THR A 96 -18.30 -8.45 -19.56
C THR A 96 -17.70 -9.78 -20.02
N GLY A 97 -18.42 -10.87 -19.77
CA GLY A 97 -17.95 -12.18 -20.18
C GLY A 97 -18.26 -12.46 -21.64
N GLY A 98 -18.52 -13.73 -21.95
CA GLY A 98 -18.84 -14.09 -23.33
C GLY A 98 -17.79 -13.68 -24.35
N GLY A 99 -18.25 -13.15 -25.47
CA GLY A 99 -17.34 -12.74 -26.52
C GLY A 99 -16.40 -11.61 -26.14
N TYR A 100 -16.70 -10.90 -25.04
CA TYR A 100 -15.88 -9.78 -24.56
C TYR A 100 -14.72 -10.23 -23.68
N LEU A 101 -14.46 -11.53 -23.70
CA LEU A 101 -13.36 -12.14 -22.96
C LEU A 101 -13.17 -11.78 -21.48
N GLY A 102 -14.11 -11.07 -20.91
CA GLY A 102 -14.00 -10.73 -19.50
C GLY A 102 -13.16 -9.52 -19.17
N VAL A 103 -12.51 -8.93 -20.17
CA VAL A 103 -11.68 -7.76 -19.91
C VAL A 103 -12.22 -6.43 -20.49
N PHE A 104 -13.21 -6.52 -21.38
CA PHE A 104 -13.81 -5.34 -22.02
C PHE A 104 -15.34 -5.30 -21.92
N ASN A 105 -15.93 -4.13 -22.13
CA ASN A 105 -17.37 -3.96 -22.07
C ASN A 105 -18.02 -3.54 -23.38
N SER A 106 -17.22 -3.15 -24.37
CA SER A 106 -17.75 -2.76 -25.67
C SER A 106 -16.72 -2.70 -26.79
N LYS A 107 -17.23 -2.48 -28.00
CA LYS A 107 -16.46 -2.40 -29.23
C LYS A 107 -15.85 -1.02 -29.47
N ASP A 108 -16.47 -0.01 -28.88
CA ASP A 108 -16.01 1.35 -29.02
C ASP A 108 -14.73 1.54 -28.20
N TYR A 109 -13.96 2.58 -28.52
CA TYR A 109 -12.72 2.85 -27.80
C TYR A 109 -13.00 3.50 -26.46
N ASP A 110 -12.81 2.75 -25.38
CA ASP A 110 -13.07 3.24 -24.04
C ASP A 110 -11.78 3.68 -23.36
N LYS A 111 -11.41 4.93 -23.59
CA LYS A 111 -10.20 5.53 -23.04
C LYS A 111 -9.94 5.22 -21.57
N THR A 112 -10.99 5.13 -20.76
CA THR A 112 -10.83 4.85 -19.34
C THR A 112 -10.62 3.38 -19.02
N SER A 113 -10.68 2.53 -20.03
CA SER A 113 -10.47 1.10 -19.83
C SER A 113 -9.05 0.85 -19.30
N GLN A 114 -8.07 1.47 -19.94
CA GLN A 114 -6.68 1.33 -19.52
C GLN A 114 -6.24 -0.12 -19.50
N THR A 115 -6.79 -0.89 -20.42
CA THR A 115 -6.46 -2.30 -20.51
C THR A 115 -6.02 -2.68 -21.91
N VAL A 116 -4.84 -3.27 -21.96
CA VAL A 116 -4.24 -3.75 -23.20
C VAL A 116 -4.22 -5.25 -23.01
N ALA A 117 -4.48 -5.99 -24.07
CA ALA A 117 -4.53 -7.42 -23.94
C ALA A 117 -4.25 -8.19 -25.20
N VAL A 118 -3.48 -9.25 -25.05
CA VAL A 118 -3.15 -10.12 -26.17
C VAL A 118 -4.12 -11.30 -26.04
N GLU A 119 -5.09 -11.32 -26.94
CA GLU A 119 -6.14 -12.32 -26.98
C GLU A 119 -5.96 -13.44 -27.99
N PHE A 120 -6.48 -14.60 -27.64
CA PHE A 120 -6.44 -15.78 -28.48
C PHE A 120 -7.93 -16.06 -28.50
N ASP A 121 -8.58 -15.57 -29.56
CA ASP A 121 -10.03 -15.67 -29.76
C ASP A 121 -10.46 -16.81 -30.67
N THR A 122 -11.17 -17.75 -30.07
CA THR A 122 -11.64 -18.93 -30.78
C THR A 122 -13.11 -18.88 -31.23
N PHE A 123 -13.67 -17.68 -31.31
CA PHE A 123 -15.07 -17.55 -31.74
C PHE A 123 -15.28 -16.25 -32.51
N TYR A 124 -15.84 -16.38 -33.71
CA TYR A 124 -16.14 -15.26 -34.59
C TYR A 124 -17.34 -14.48 -34.10
N ASN A 125 -17.11 -13.21 -33.78
CA ASN A 125 -18.20 -12.34 -33.33
C ASN A 125 -18.38 -11.35 -34.47
N THR A 126 -19.41 -11.59 -35.28
CA THR A 126 -19.67 -10.76 -36.44
C THR A 126 -19.65 -9.24 -36.17
N ALA A 127 -19.98 -8.85 -34.94
CA ALA A 127 -20.01 -7.44 -34.58
C ALA A 127 -18.67 -6.73 -34.57
N TRP A 128 -17.56 -7.47 -34.39
CA TRP A 128 -16.25 -6.82 -34.31
C TRP A 128 -14.99 -7.62 -34.72
N ASP A 129 -15.13 -8.94 -34.91
CA ASP A 129 -13.98 -9.76 -35.29
C ASP A 129 -13.74 -9.70 -36.80
N PRO A 130 -12.49 -9.99 -37.25
CA PRO A 130 -12.06 -9.99 -38.65
C PRO A 130 -13.01 -10.79 -39.54
N SER A 131 -13.41 -10.18 -40.66
CA SER A 131 -14.35 -10.77 -41.61
C SER A 131 -14.08 -12.20 -42.09
N ASN A 132 -12.81 -12.60 -42.13
CA ASN A 132 -12.46 -13.95 -42.55
C ASN A 132 -13.06 -15.01 -41.62
N GLY A 133 -13.34 -14.61 -40.38
CA GLY A 133 -13.92 -15.49 -39.39
C GLY A 133 -13.03 -16.58 -38.82
N ASP A 134 -11.72 -16.38 -38.89
CA ASP A 134 -10.76 -17.37 -38.39
C ASP A 134 -10.42 -17.16 -36.91
N ARG A 135 -10.01 -18.23 -36.24
CA ARG A 135 -9.61 -18.10 -34.83
C ARG A 135 -8.36 -17.26 -35.01
N HIS A 136 -8.05 -16.40 -34.05
CA HIS A 136 -6.90 -15.53 -34.20
C HIS A 136 -6.33 -15.00 -32.92
N ILE A 137 -5.05 -14.63 -32.99
CA ILE A 137 -4.33 -14.04 -31.89
C ILE A 137 -4.50 -12.58 -32.22
N GLY A 138 -4.87 -11.77 -31.26
CA GLY A 138 -5.06 -10.36 -31.54
C GLY A 138 -4.57 -9.49 -30.40
N ILE A 139 -4.17 -8.28 -30.74
CA ILE A 139 -3.69 -7.33 -29.76
C ILE A 139 -4.76 -6.28 -29.55
N ASP A 140 -5.40 -6.29 -28.38
CA ASP A 140 -6.43 -5.30 -28.09
C ASP A 140 -5.86 -4.19 -27.22
N VAL A 141 -6.49 -3.03 -27.26
CA VAL A 141 -6.08 -1.90 -26.42
C VAL A 141 -7.25 -0.93 -26.22
N ASN A 142 -7.88 -1.03 -25.05
CA ASN A 142 -9.03 -0.21 -24.68
C ASN A 142 -10.32 -0.55 -25.43
N SER A 143 -10.40 -1.76 -25.97
CA SER A 143 -11.59 -2.21 -26.69
C SER A 143 -11.41 -3.66 -27.14
N ILE A 144 -12.53 -4.35 -27.37
CA ILE A 144 -12.51 -5.75 -27.78
C ILE A 144 -12.15 -5.94 -29.26
N LYS A 145 -12.07 -4.86 -30.03
CA LYS A 145 -11.71 -5.00 -31.43
C LYS A 145 -10.20 -4.90 -31.50
N SER A 146 -9.56 -5.94 -32.04
CA SER A 146 -8.11 -5.98 -32.14
C SER A 146 -7.57 -4.96 -33.13
N ILE A 147 -6.45 -4.35 -32.80
CA ILE A 147 -5.81 -3.37 -33.67
C ILE A 147 -4.96 -4.10 -34.73
N ASN A 148 -4.86 -5.41 -34.58
CA ASN A 148 -4.12 -6.25 -35.50
C ASN A 148 -4.36 -7.69 -35.08
N THR A 149 -4.42 -8.60 -36.05
CA THR A 149 -4.66 -10.01 -35.77
C THR A 149 -3.83 -10.91 -36.67
N LYS A 150 -3.83 -12.20 -36.37
CA LYS A 150 -3.09 -13.21 -37.13
C LYS A 150 -3.93 -14.48 -37.06
N SER A 151 -4.28 -15.06 -38.21
CA SER A 151 -5.08 -16.27 -38.19
C SER A 151 -4.33 -17.42 -37.53
N TRP A 152 -5.05 -18.22 -36.75
CA TRP A 152 -4.45 -19.30 -35.99
C TRP A 152 -5.32 -20.55 -35.90
N LYS A 153 -4.73 -21.71 -36.21
CA LYS A 153 -5.44 -22.99 -36.17
C LYS A 153 -5.37 -23.63 -34.78
N LEU A 154 -6.45 -23.46 -34.02
CA LEU A 154 -6.54 -24.01 -32.68
C LEU A 154 -6.40 -25.52 -32.79
N GLN A 155 -5.55 -26.09 -31.95
CA GLN A 155 -5.36 -27.54 -31.89
C GLN A 155 -6.03 -28.00 -30.60
N ASN A 156 -7.29 -28.41 -30.73
CA ASN A 156 -8.09 -28.87 -29.61
C ASN A 156 -7.33 -29.81 -28.68
N GLY A 157 -7.21 -29.41 -27.42
CA GLY A 157 -6.54 -30.23 -26.43
C GLY A 157 -5.02 -30.23 -26.43
N LYS A 158 -4.39 -29.57 -27.39
CA LYS A 158 -2.94 -29.52 -27.43
C LYS A 158 -2.47 -28.26 -26.75
N GLU A 159 -1.26 -28.29 -26.20
CA GLU A 159 -0.70 -27.14 -25.51
C GLU A 159 0.29 -26.31 -26.33
N ALA A 160 -0.06 -25.03 -26.48
CA ALA A 160 0.76 -24.11 -27.23
C ALA A 160 1.55 -23.28 -26.23
N ASN A 161 2.79 -23.00 -26.60
CA ASN A 161 3.67 -22.20 -25.78
C ASN A 161 3.61 -20.81 -26.38
N VAL A 162 3.27 -19.82 -25.56
CA VAL A 162 3.17 -18.46 -26.02
C VAL A 162 4.32 -17.71 -25.40
N VAL A 163 4.84 -16.73 -26.15
CA VAL A 163 5.91 -15.88 -25.64
C VAL A 163 5.58 -14.47 -26.09
N ILE A 164 5.36 -13.60 -25.12
CA ILE A 164 5.02 -12.23 -25.39
C ILE A 164 6.12 -11.39 -24.77
N ALA A 165 6.59 -10.41 -25.52
CA ALA A 165 7.66 -9.55 -25.03
C ALA A 165 7.33 -8.10 -25.39
N PHE A 166 7.92 -7.17 -24.66
CA PHE A 166 7.68 -5.76 -24.92
C PHE A 166 8.97 -4.98 -24.78
N ASN A 167 9.23 -4.17 -25.79
CA ASN A 167 10.43 -3.37 -25.83
C ASN A 167 10.07 -1.92 -25.57
N GLY A 168 10.35 -1.44 -24.36
CA GLY A 168 10.04 -0.06 -23.99
C GLY A 168 10.52 1.00 -24.95
N ALA A 169 11.69 0.79 -25.54
CA ALA A 169 12.23 1.77 -26.48
C ALA A 169 11.44 1.84 -27.78
N THR A 170 11.40 0.75 -28.53
CA THR A 170 10.68 0.72 -29.80
C THR A 170 9.19 0.50 -29.62
N ASN A 171 8.79 0.17 -28.40
CA ASN A 171 7.39 -0.07 -28.04
C ASN A 171 6.66 -1.15 -28.85
N VAL A 172 7.42 -2.06 -29.44
CA VAL A 172 6.80 -3.14 -30.22
C VAL A 172 6.54 -4.41 -29.40
N LEU A 173 5.26 -4.75 -29.31
CA LEU A 173 4.78 -5.93 -28.59
C LEU A 173 5.03 -7.10 -29.55
N THR A 174 5.47 -8.24 -29.03
CA THR A 174 5.71 -9.40 -29.87
C THR A 174 5.04 -10.59 -29.24
N VAL A 175 4.31 -11.33 -30.03
CA VAL A 175 3.60 -12.50 -29.53
C VAL A 175 3.88 -13.69 -30.43
N SER A 176 4.22 -14.81 -29.81
CA SER A 176 4.49 -16.02 -30.53
C SER A 176 3.87 -17.20 -29.82
N LEU A 177 3.15 -18.00 -30.58
CA LEU A 177 2.50 -19.19 -30.08
C LEU A 177 3.13 -20.30 -30.91
N THR A 178 3.34 -21.45 -30.30
CA THR A 178 3.95 -22.59 -30.97
C THR A 178 3.38 -23.86 -30.41
N TYR A 179 2.94 -24.76 -31.31
CA TYR A 179 2.39 -26.05 -30.93
C TYR A 179 3.46 -27.13 -31.15
N PRO A 180 4.16 -27.53 -30.09
CA PRO A 180 5.19 -28.57 -30.22
C PRO A 180 4.47 -29.87 -30.53
N ASN A 181 4.84 -30.51 -31.64
CA ASN A 181 4.23 -31.76 -32.14
C ASN A 181 3.05 -31.41 -33.05
N ASN B 1 -22.02 -30.71 -37.57
CA ASN B 1 -21.02 -30.50 -36.48
C ASN B 1 -20.29 -31.84 -36.28
N GLU C 1 2.24 -29.42 -34.96
CA GLU C 1 3.51 -28.75 -35.34
C GLU C 1 3.10 -27.52 -36.12
N THR C 2 3.30 -26.35 -35.52
CA THR C 2 2.95 -25.09 -36.16
C THR C 2 3.31 -23.93 -35.25
N SER C 3 3.70 -22.80 -35.82
CA SER C 3 4.06 -21.63 -35.03
C SER C 3 3.50 -20.37 -35.65
N TYR C 4 3.04 -19.46 -34.78
CA TYR C 4 2.44 -18.20 -35.18
C TYR C 4 3.15 -17.07 -34.48
N THR C 5 3.33 -15.97 -35.18
CA THR C 5 4.00 -14.81 -34.62
C THR C 5 3.27 -13.57 -35.10
N LEU C 6 3.06 -12.64 -34.18
CA LEU C 6 2.37 -11.39 -34.44
C LEU C 6 3.06 -10.32 -33.61
N ASN C 7 2.98 -9.08 -34.07
CA ASN C 7 3.57 -7.96 -33.33
C ASN C 7 3.12 -6.63 -33.88
N GLU C 8 2.73 -5.73 -32.97
CA GLU C 8 2.24 -4.41 -33.34
C GLU C 8 2.90 -3.41 -32.44
N VAL C 9 3.20 -2.23 -32.97
CA VAL C 9 3.85 -1.20 -32.17
C VAL C 9 2.77 -0.65 -31.23
N VAL C 10 2.88 -0.97 -29.95
CA VAL C 10 1.90 -0.51 -28.98
C VAL C 10 2.60 0.37 -27.95
N PRO C 11 2.32 1.68 -27.96
CA PRO C 11 2.93 2.60 -27.00
C PRO C 11 2.17 2.40 -25.70
N LEU C 12 2.67 1.49 -24.87
CA LEU C 12 2.04 1.12 -23.61
C LEU C 12 1.76 2.22 -22.58
N LYS C 13 2.67 3.17 -22.45
CA LYS C 13 2.53 4.24 -21.44
C LYS C 13 1.26 5.09 -21.55
N GLU C 14 0.81 5.33 -22.77
CA GLU C 14 -0.36 6.16 -22.97
C GLU C 14 -1.71 5.47 -22.87
N PHE C 15 -1.71 4.18 -22.61
CA PHE C 15 -2.96 3.45 -22.48
C PHE C 15 -3.07 2.81 -21.11
N VAL C 16 -1.91 2.49 -20.54
CA VAL C 16 -1.84 1.84 -19.24
C VAL C 16 -1.19 2.73 -18.18
N PRO C 17 -1.66 2.65 -16.92
CA PRO C 17 -1.10 3.46 -15.83
C PRO C 17 0.28 2.96 -15.36
N GLU C 18 1.07 3.86 -14.75
CA GLU C 18 2.40 3.55 -14.24
C GLU C 18 2.41 2.23 -13.51
N TRP C 19 1.43 2.06 -12.64
CA TRP C 19 1.26 0.83 -11.87
C TRP C 19 0.16 0.01 -12.49
N VAL C 20 0.42 -1.28 -12.71
CA VAL C 20 -0.55 -2.17 -13.32
C VAL C 20 -0.51 -3.57 -12.76
N ARG C 21 -1.61 -4.29 -12.96
CA ARG C 21 -1.75 -5.67 -12.54
C ARG C 21 -1.84 -6.45 -13.84
N ILE C 22 -1.28 -7.65 -13.86
CA ILE C 22 -1.28 -8.49 -15.06
C ILE C 22 -1.92 -9.83 -14.70
N GLY C 23 -2.29 -10.60 -15.71
CA GLY C 23 -2.91 -11.89 -15.45
C GLY C 23 -3.57 -12.50 -16.67
N PHE C 24 -4.37 -13.53 -16.44
CA PHE C 24 -5.06 -14.23 -17.52
C PHE C 24 -6.56 -14.03 -17.41
N SER C 25 -7.25 -14.18 -18.53
CA SER C 25 -8.69 -14.05 -18.59
C SER C 25 -9.22 -15.02 -19.64
N ALA C 26 -10.35 -15.65 -19.36
CA ALA C 26 -10.94 -16.59 -20.29
C ALA C 26 -12.42 -16.63 -20.03
N THR C 27 -13.20 -16.78 -21.08
CA THR C 27 -14.66 -16.83 -20.95
C THR C 27 -15.34 -17.84 -21.84
N THR C 28 -16.65 -17.96 -21.65
CA THR C 28 -17.46 -18.87 -22.43
C THR C 28 -18.82 -18.22 -22.58
N GLY C 29 -19.56 -18.66 -23.58
CA GLY C 29 -20.89 -18.11 -23.81
C GLY C 29 -21.82 -19.23 -24.17
N ALA C 30 -22.59 -19.06 -25.24
CA ALA C 30 -23.53 -20.07 -25.70
C ALA C 30 -22.73 -21.33 -26.00
N GLU C 31 -21.50 -21.14 -26.47
CA GLU C 31 -20.61 -22.25 -26.78
C GLU C 31 -19.46 -22.17 -25.78
N PHE C 32 -18.73 -23.27 -25.57
CA PHE C 32 -17.65 -23.27 -24.58
C PHE C 32 -16.50 -24.28 -24.71
N ALA C 33 -15.46 -24.07 -23.91
CA ALA C 33 -14.30 -24.95 -23.87
C ALA C 33 -13.59 -24.63 -22.56
N ALA C 34 -12.69 -25.52 -22.13
CA ALA C 34 -11.94 -25.31 -20.90
C ALA C 34 -10.55 -24.76 -21.22
N HIS C 35 -10.19 -23.67 -20.54
CA HIS C 35 -8.90 -23.02 -20.74
C HIS C 35 -8.11 -23.18 -19.45
N GLU C 36 -6.91 -23.73 -19.55
CA GLU C 36 -6.02 -23.91 -18.41
C GLU C 36 -4.59 -23.53 -18.72
N VAL C 37 -3.96 -22.83 -17.79
CA VAL C 37 -2.57 -22.41 -17.93
C VAL C 37 -1.74 -23.37 -17.08
N LEU C 38 -0.85 -24.10 -17.76
CA LEU C 38 0.01 -25.09 -17.13
C LEU C 38 1.32 -24.52 -16.54
N SER C 39 1.67 -23.30 -16.93
CA SER C 39 2.90 -22.68 -16.44
C SER C 39 2.87 -21.20 -16.74
N TRP C 40 3.69 -20.44 -16.03
CA TRP C 40 3.75 -19.00 -16.21
C TRP C 40 5.03 -18.41 -15.66
N TYR C 41 5.72 -17.66 -16.51
CA TYR C 41 6.97 -16.99 -16.19
C TYR C 41 6.80 -15.53 -16.59
N PHE C 42 7.35 -14.62 -15.80
CA PHE C 42 7.24 -13.21 -16.12
C PHE C 42 8.41 -12.46 -15.56
N ASN C 43 8.95 -11.54 -16.36
CA ASN C 43 10.08 -10.72 -15.95
C ASN C 43 9.90 -9.34 -16.54
N SER C 44 9.99 -8.33 -15.70
CA SER C 44 9.89 -6.94 -16.14
C SER C 44 10.99 -6.15 -15.46
N GLU C 45 11.66 -5.30 -16.23
CA GLU C 45 12.74 -4.46 -15.74
C GLU C 45 12.47 -3.05 -16.25
N LEU C 46 12.69 -2.07 -15.38
CA LEU C 46 12.46 -0.66 -15.70
C LEU C 46 13.55 0.23 -15.09
N SER C 47 14.21 1.03 -15.92
CA SER C 47 15.26 1.94 -15.49
C SER C 47 14.67 3.16 -14.79
N VAL C 48 15.40 3.69 -13.81
CA VAL C 48 14.90 4.84 -13.04
C VAL C 48 15.75 6.12 -13.01
N THR C 49 15.88 6.77 -14.18
CA THR C 49 16.63 8.01 -14.34
C THR C 49 16.39 8.50 -15.78
N SER C 50 16.03 9.78 -15.93
CA SER C 50 15.76 10.36 -17.25
C SER C 50 16.96 10.34 -18.18
N SER C 51 18.12 10.40 -17.67
N THR D 1 12.70 -23.36 -10.27
CA THR D 1 11.39 -23.55 -10.94
C THR D 1 10.39 -22.52 -10.44
N GLU D 2 10.06 -22.55 -9.15
CA GLU D 2 9.16 -21.54 -8.60
C GLU D 2 10.00 -20.36 -8.11
N THR D 3 10.18 -19.37 -8.97
CA THR D 3 10.97 -18.20 -8.62
C THR D 3 10.11 -17.01 -8.25
N THR D 4 10.71 -16.03 -7.59
CA THR D 4 10.06 -14.79 -7.16
C THR D 4 11.20 -13.81 -6.95
N SER D 5 11.11 -12.64 -7.57
CA SER D 5 12.17 -11.64 -7.44
C SER D 5 11.61 -10.26 -7.58
N PHE D 6 12.35 -9.30 -7.05
CA PHE D 6 11.95 -7.92 -7.16
C PHE D 6 13.08 -6.98 -6.75
N SER D 7 13.17 -5.84 -7.41
CA SER D 7 14.19 -4.86 -7.11
C SER D 7 13.51 -3.51 -7.02
N ILE D 8 13.77 -2.78 -5.94
CA ILE D 8 13.17 -1.47 -5.72
C ILE D 8 14.30 -0.52 -5.36
N THR D 9 14.61 0.41 -6.26
CA THR D 9 15.68 1.37 -5.99
C THR D 9 15.18 2.57 -5.19
N LYS D 10 14.04 3.10 -5.57
CA LYS D 10 13.44 4.24 -4.89
C LYS D 10 12.01 3.89 -4.56
N PHE D 11 11.56 4.26 -3.38
CA PHE D 11 10.19 4.00 -2.97
C PHE D 11 9.42 5.28 -3.22
N GLY D 12 8.39 5.21 -4.03
CA GLY D 12 7.59 6.38 -4.32
C GLY D 12 6.57 6.62 -3.22
N PRO D 13 5.77 7.70 -3.31
CA PRO D 13 4.76 8.02 -2.29
C PRO D 13 3.82 6.84 -2.17
N ASP D 14 3.42 6.31 -3.32
CA ASP D 14 2.54 5.15 -3.38
C ASP D 14 3.35 3.96 -3.84
N GLN D 15 3.49 2.97 -2.95
CA GLN D 15 4.26 1.79 -3.25
C GLN D 15 3.33 0.59 -3.29
N PRO D 16 2.66 0.40 -4.42
CA PRO D 16 1.72 -0.70 -4.63
C PRO D 16 2.22 -2.09 -4.29
N ASN D 17 3.46 -2.41 -4.67
CA ASN D 17 3.99 -3.75 -4.40
C ASN D 17 4.51 -3.95 -3.00
N LEU D 18 3.89 -3.28 -2.04
CA LEU D 18 4.29 -3.34 -0.65
C LEU D 18 3.05 -3.22 0.22
N ILE D 19 3.10 -3.76 1.44
CA ILE D 19 1.99 -3.68 2.37
C ILE D 19 2.60 -3.04 3.60
N PHE D 20 2.15 -1.84 3.95
CA PHE D 20 2.68 -1.17 5.12
C PHE D 20 1.90 -1.53 6.37
N GLN D 21 2.61 -1.72 7.49
CA GLN D 21 1.97 -2.01 8.77
C GLN D 21 2.57 -1.05 9.81
N GLY D 22 1.91 -0.92 10.95
CA GLY D 22 2.42 -0.01 11.98
C GLY D 22 2.58 1.39 11.40
N ASP D 23 3.53 2.17 11.88
CA ASP D 23 3.72 3.52 11.38
C ASP D 23 4.67 3.66 10.18
N GLY D 24 4.78 2.61 9.37
CA GLY D 24 5.67 2.66 8.24
C GLY D 24 5.11 3.28 6.98
N TYR D 25 5.92 4.11 6.31
CA TYR D 25 5.51 4.78 5.08
C TYR D 25 6.77 5.14 4.26
N THR D 26 6.65 6.09 3.33
CA THR D 26 7.78 6.50 2.53
C THR D 26 7.88 8.02 2.48
N THR D 27 9.10 8.54 2.30
CA THR D 27 9.32 9.97 2.22
C THR D 27 10.59 10.27 1.47
N LYS D 28 10.46 10.77 0.25
CA LYS D 28 11.59 11.12 -0.59
C LYS D 28 12.48 9.95 -0.97
N GLU D 29 12.03 9.15 -1.94
CA GLU D 29 12.81 8.02 -2.45
C GLU D 29 13.14 6.89 -1.44
N ARG D 30 12.95 7.11 -0.15
CA ARG D 30 13.27 6.08 0.83
C ARG D 30 12.08 5.59 1.63
N LEU D 31 12.20 4.39 2.16
CA LEU D 31 11.16 3.77 2.96
C LEU D 31 11.47 4.13 4.40
N THR D 32 10.46 4.62 5.12
CA THR D 32 10.63 5.00 6.51
C THR D 32 9.81 4.14 7.47
N LEU D 33 10.49 3.28 8.23
CA LEU D 33 9.82 2.42 9.19
C LEU D 33 9.51 3.14 10.50
N THR D 34 10.40 4.02 10.95
CA THR D 34 10.16 4.77 12.20
C THR D 34 10.84 6.13 12.13
N LYS D 35 10.30 7.09 12.87
CA LYS D 35 10.92 8.42 12.89
C LYS D 35 11.65 8.46 14.23
N ALA D 36 12.35 9.55 14.52
CA ALA D 36 13.06 9.69 15.78
C ALA D 36 11.97 10.07 16.78
N VAL D 37 11.10 9.10 17.08
CA VAL D 37 9.97 9.30 17.96
C VAL D 37 9.86 8.16 18.97
N ARG D 38 9.56 8.50 20.21
CA ARG D 38 9.43 7.48 21.23
C ARG D 38 8.30 6.50 20.91
N ASN D 39 8.54 5.21 21.16
CA ASN D 39 7.58 4.14 20.91
C ASN D 39 6.91 4.17 19.54
N THR D 40 7.36 3.30 18.65
CA THR D 40 6.84 3.23 17.29
C THR D 40 7.24 1.87 16.70
N VAL D 41 6.43 1.36 15.78
CA VAL D 41 6.70 0.08 15.12
C VAL D 41 6.15 0.14 13.72
N GLY D 42 7.05 0.27 12.75
CA GLY D 42 6.60 0.32 11.38
C GLY D 42 7.23 -0.78 10.59
N ARG D 43 6.41 -1.62 9.96
CA ARG D 43 6.88 -2.74 9.16
C ARG D 43 6.47 -2.55 7.71
N ALA D 44 7.11 -3.26 6.81
CA ALA D 44 6.79 -3.20 5.38
C ALA D 44 7.13 -4.56 4.78
N LEU D 45 6.12 -5.31 4.34
CA LEU D 45 6.33 -6.63 3.75
C LEU D 45 6.10 -6.50 2.27
N TYR D 46 6.64 -7.43 1.49
CA TYR D 46 6.44 -7.43 0.05
C TYR D 46 5.07 -8.07 -0.19
N SER D 47 4.24 -7.40 -1.00
CA SER D 47 2.87 -7.81 -1.31
C SER D 47 2.53 -9.24 -1.68
N SER D 48 3.37 -9.90 -2.44
CA SER D 48 3.09 -11.28 -2.87
C SER D 48 3.75 -12.34 -2.01
N PRO D 49 2.97 -13.34 -1.55
CA PRO D 49 3.49 -14.43 -0.72
C PRO D 49 4.60 -15.13 -1.48
N ILE D 50 5.56 -15.64 -0.72
CA ILE D 50 6.73 -16.33 -1.25
C ILE D 50 6.65 -17.82 -0.91
N HIS D 51 7.01 -18.65 -1.88
CA HIS D 51 7.00 -20.11 -1.73
C HIS D 51 8.38 -20.53 -1.20
N ILE D 52 8.52 -20.56 0.13
CA ILE D 52 9.82 -20.89 0.74
C ILE D 52 10.25 -22.37 0.69
N TRP D 53 9.37 -23.29 1.04
CA TRP D 53 9.70 -24.72 0.96
C TRP D 53 8.49 -25.52 0.49
N ASP D 54 8.75 -26.59 -0.28
CA ASP D 54 7.69 -27.47 -0.77
C ASP D 54 7.66 -28.74 0.05
N SER D 55 6.50 -29.07 0.60
CA SER D 55 6.37 -30.28 1.41
C SER D 55 6.50 -31.56 0.57
N LYS D 56 5.78 -31.59 -0.56
CA LYS D 56 5.77 -32.73 -1.48
C LYS D 56 7.14 -33.30 -1.83
N THR D 57 8.16 -32.46 -1.85
CA THR D 57 9.50 -32.92 -2.17
C THR D 57 10.40 -32.75 -0.95
N GLY D 58 10.09 -31.72 -0.15
CA GLY D 58 10.89 -31.43 1.02
C GLY D 58 12.01 -30.46 0.67
N ASN D 59 12.02 -30.01 -0.57
CA ASN D 59 13.04 -29.08 -1.02
C ASN D 59 12.78 -27.75 -0.35
N VAL D 60 13.84 -27.03 0.00
CA VAL D 60 13.68 -25.71 0.57
C VAL D 60 14.16 -24.79 -0.56
N ALA D 61 13.83 -23.51 -0.47
CA ALA D 61 14.24 -22.56 -1.48
C ALA D 61 15.57 -21.95 -1.10
N ASN D 62 16.31 -21.55 -2.11
CA ASN D 62 17.56 -20.87 -1.90
C ASN D 62 17.10 -19.45 -2.15
N PHE D 63 17.63 -18.48 -1.42
CA PHE D 63 17.22 -17.10 -1.64
C PHE D 63 18.27 -16.14 -1.17
N VAL D 64 18.23 -14.95 -1.73
CA VAL D 64 19.17 -13.90 -1.36
C VAL D 64 18.46 -12.58 -1.42
N THR D 65 18.62 -11.81 -0.36
CA THR D 65 18.04 -10.48 -0.30
C THR D 65 19.22 -9.57 -0.04
N SER D 66 19.05 -8.32 -0.39
CA SER D 66 20.09 -7.33 -0.21
C SER D 66 19.39 -6.01 -0.09
N PHE D 67 19.98 -5.11 0.68
CA PHE D 67 19.39 -3.80 0.88
C PHE D 67 20.35 -2.83 1.49
N THR D 68 19.90 -1.60 1.62
CA THR D 68 20.68 -0.52 2.18
C THR D 68 19.80 0.22 3.16
N PHE D 69 19.87 -0.15 4.42
CA PHE D 69 19.06 0.53 5.41
C PHE D 69 19.95 1.61 6.02
N VAL D 70 19.45 2.31 7.03
CA VAL D 70 20.23 3.34 7.68
C VAL D 70 19.55 3.79 8.96
N ILE D 71 20.33 4.03 10.01
CA ILE D 71 19.78 4.48 11.27
C ILE D 71 20.17 5.92 11.61
N ASP D 72 19.16 6.79 11.62
CA ASP D 72 19.33 8.20 11.92
C ASP D 72 19.11 8.37 13.42
N ALA D 73 20.15 8.83 14.10
CA ALA D 73 20.06 9.06 15.54
C ALA D 73 20.62 10.44 15.85
N PRO D 74 19.87 11.23 16.64
CA PRO D 74 20.29 12.58 17.02
C PRO D 74 21.53 12.47 17.91
N ASN D 75 21.37 11.77 19.03
CA ASN D 75 22.44 11.53 19.99
C ASN D 75 22.84 10.06 19.90
N SER D 76 24.13 9.81 19.75
CA SER D 76 24.64 8.46 19.64
C SER D 76 24.85 7.75 20.97
N TYR D 77 24.20 8.22 22.02
CA TYR D 77 24.37 7.60 23.34
C TYR D 77 23.17 6.78 23.76
N ASN D 78 22.00 7.13 23.23
CA ASN D 78 20.77 6.42 23.60
C ASN D 78 19.97 5.97 22.37
N VAL D 79 20.54 5.08 21.57
CA VAL D 79 19.86 4.61 20.38
C VAL D 79 19.01 3.38 20.68
N ALA D 80 17.89 3.27 19.98
CA ALA D 80 16.95 2.15 20.11
C ALA D 80 15.96 2.26 18.94
N ASP D 81 15.31 1.17 18.57
CA ASP D 81 15.45 -0.13 19.21
C ASP D 81 16.08 -1.20 18.32
N GLY D 82 16.13 -0.94 17.03
CA GLY D 82 16.69 -1.91 16.11
C GLY D 82 16.08 -1.90 14.71
N PHE D 83 16.27 -3.01 14.00
CA PHE D 83 15.81 -3.18 12.63
C PHE D 83 15.76 -4.68 12.38
N THR D 84 14.89 -5.12 11.49
CA THR D 84 14.71 -6.55 11.21
C THR D 84 14.35 -6.84 9.76
N PHE D 85 14.64 -8.06 9.34
CA PHE D 85 14.23 -8.58 8.04
C PHE D 85 13.67 -9.90 8.51
N PHE D 86 12.36 -10.07 8.39
CA PHE D 86 11.76 -11.29 8.87
C PHE D 86 11.15 -12.16 7.78
N ILE D 87 10.93 -13.42 8.13
CA ILE D 87 10.33 -14.43 7.27
C ILE D 87 9.23 -14.89 8.22
N ALA D 88 7.99 -14.51 7.93
CA ALA D 88 6.88 -14.88 8.80
C ALA D 88 5.74 -15.44 7.97
N PRO D 89 4.71 -16.01 8.63
CA PRO D 89 3.55 -16.57 7.91
C PRO D 89 2.82 -15.48 7.11
N VAL D 90 2.26 -15.84 5.96
CA VAL D 90 1.53 -14.89 5.09
C VAL D 90 0.70 -13.83 5.83
N ASP D 91 -0.10 -14.27 6.79
CA ASP D 91 -0.96 -13.39 7.57
C ASP D 91 -0.23 -12.66 8.71
N THR D 92 1.08 -12.47 8.58
CA THR D 92 1.85 -11.83 9.62
C THR D 92 1.38 -10.43 9.99
N LYS D 93 1.26 -10.20 11.28
CA LYS D 93 0.80 -8.92 11.82
C LYS D 93 1.82 -8.43 12.84
N PRO D 94 1.92 -7.11 13.03
CA PRO D 94 2.89 -6.57 14.00
C PRO D 94 2.64 -7.16 15.39
N GLN D 95 3.71 -7.55 16.08
CA GLN D 95 3.58 -8.09 17.43
C GLN D 95 4.13 -7.11 18.46
N THR D 96 4.65 -7.61 19.59
CA THR D 96 5.16 -6.72 20.64
C THR D 96 6.26 -5.79 20.17
N GLY D 97 6.16 -4.52 20.56
CA GLY D 97 7.16 -3.55 20.14
C GLY D 97 8.29 -3.40 21.12
N GLY D 98 9.06 -2.34 20.92
CA GLY D 98 10.20 -2.06 21.78
C GLY D 98 11.32 -3.05 21.58
N GLY D 99 11.74 -3.67 22.68
CA GLY D 99 12.82 -4.63 22.64
C GLY D 99 12.58 -5.83 21.77
N TYR D 100 11.31 -6.09 21.45
CA TYR D 100 10.95 -7.24 20.62
C TYR D 100 10.96 -6.94 19.12
N LEU D 101 11.40 -5.74 18.75
CA LEU D 101 11.44 -5.32 17.36
C LEU D 101 10.12 -5.48 16.60
N GLY D 102 9.01 -5.56 17.33
CA GLY D 102 7.71 -5.70 16.70
C GLY D 102 7.51 -7.02 15.99
N VAL D 103 8.41 -7.97 16.19
CA VAL D 103 8.29 -9.25 15.53
C VAL D 103 7.97 -10.41 16.48
N PHE D 104 8.54 -10.39 17.69
CA PHE D 104 8.31 -11.47 18.65
C PHE D 104 7.62 -11.08 19.95
N ASN D 105 7.19 -12.11 20.69
CA ASN D 105 6.56 -11.94 21.98
C ASN D 105 7.38 -12.87 22.89
N SER D 106 7.73 -12.39 24.08
CA SER D 106 8.51 -13.17 25.06
C SER D 106 9.90 -13.59 24.62
N LYS D 107 10.73 -13.95 25.60
CA LYS D 107 12.10 -14.38 25.32
C LYS D 107 12.17 -15.90 25.24
N ASP D 108 11.02 -16.56 25.28
CA ASP D 108 10.99 -18.02 25.21
C ASP D 108 10.64 -18.47 23.80
N TYR D 109 10.98 -19.71 23.49
CA TYR D 109 10.75 -20.31 22.17
C TYR D 109 9.26 -20.63 21.98
N ASP D 110 8.51 -19.67 21.48
CA ASP D 110 7.10 -19.91 21.24
C ASP D 110 6.89 -20.35 19.81
N LYS D 111 6.51 -21.62 19.68
CA LYS D 111 6.27 -22.27 18.40
C LYS D 111 5.31 -21.49 17.49
N THR D 112 4.32 -20.84 18.10
CA THR D 112 3.33 -20.07 17.35
C THR D 112 3.92 -19.00 16.43
N SER D 113 5.09 -18.48 16.82
CA SER D 113 5.79 -17.43 16.07
C SER D 113 5.99 -17.75 14.59
N GLN D 114 6.55 -18.92 14.29
CA GLN D 114 6.81 -19.35 12.92
C GLN D 114 7.50 -18.27 12.10
N THR D 115 8.20 -17.37 12.78
CA THR D 115 8.92 -16.28 12.12
C THR D 115 10.39 -16.25 12.47
N VAL D 116 11.25 -16.52 11.51
CA VAL D 116 12.67 -16.41 11.78
C VAL D 116 12.92 -14.92 11.50
N ALA D 117 14.02 -14.36 12.00
CA ALA D 117 14.28 -12.94 11.77
C ALA D 117 15.72 -12.56 12.07
N VAL D 118 16.40 -11.97 11.10
CA VAL D 118 17.76 -11.51 11.35
C VAL D 118 17.54 -10.08 11.81
N GLU D 119 18.36 -9.63 12.74
CA GLU D 119 18.18 -8.29 13.28
C GLU D 119 19.49 -7.56 13.48
N PHE D 120 19.36 -6.27 13.76
CA PHE D 120 20.46 -5.38 14.01
C PHE D 120 19.99 -4.64 15.24
N ASP D 121 20.13 -5.27 16.40
CA ASP D 121 19.69 -4.70 17.67
C ASP D 121 20.63 -3.59 18.10
N THR D 122 20.08 -2.41 18.34
CA THR D 122 20.83 -1.24 18.75
C THR D 122 20.59 -0.85 20.20
N PHE D 123 20.08 -1.77 21.01
CA PHE D 123 19.79 -1.45 22.41
C PHE D 123 19.86 -2.72 23.24
N TYR D 124 20.52 -2.62 24.39
CA TYR D 124 20.72 -3.74 25.31
C TYR D 124 19.51 -4.08 26.17
N ASN D 125 18.97 -5.27 25.98
CA ASN D 125 17.83 -5.74 26.76
C ASN D 125 18.32 -6.96 27.54
N THR D 126 18.52 -6.74 28.83
CA THR D 126 19.05 -7.72 29.77
C THR D 126 18.71 -9.20 29.62
N ALA D 127 17.46 -9.56 29.87
CA ALA D 127 17.05 -10.96 29.80
C ALA D 127 17.06 -11.65 28.42
N TRP D 128 17.75 -11.08 27.44
CA TRP D 128 17.82 -11.72 26.14
C TRP D 128 18.96 -11.25 25.23
N ASP D 129 19.62 -10.16 25.61
CA ASP D 129 20.74 -9.68 24.82
C ASP D 129 22.07 -10.06 25.50
N PRO D 130 23.16 -10.22 24.72
CA PRO D 130 24.49 -10.59 25.24
C PRO D 130 24.93 -9.72 26.42
N SER D 131 25.38 -10.38 27.48
CA SER D 131 25.81 -9.73 28.71
C SER D 131 26.74 -8.53 28.54
N ASN D 132 27.58 -8.55 27.53
CA ASN D 132 28.50 -7.43 27.30
C ASN D 132 27.82 -6.24 26.66
N GLY D 133 26.50 -6.28 26.58
CA GLY D 133 25.75 -5.19 25.96
C GLY D 133 26.00 -5.27 24.46
N ASP D 134 26.82 -4.35 23.96
CA ASP D 134 27.20 -4.30 22.55
C ASP D 134 26.13 -4.51 21.48
N ARG D 135 25.87 -3.48 20.69
CA ARG D 135 24.89 -3.57 19.61
C ARG D 135 25.30 -4.75 18.73
N HIS D 136 24.36 -5.35 18.02
CA HIS D 136 24.75 -6.52 17.25
C HIS D 136 23.78 -7.09 16.24
N ILE D 137 24.36 -7.79 15.27
CA ILE D 137 23.62 -8.50 14.24
C ILE D 137 23.13 -9.68 15.08
N GLY D 138 22.10 -10.37 14.64
CA GLY D 138 21.60 -11.48 15.42
C GLY D 138 20.52 -12.24 14.70
N ILE D 139 20.67 -13.54 14.63
CA ILE D 139 19.70 -14.37 13.95
C ILE D 139 18.72 -14.83 15.03
N ASP D 140 17.44 -14.90 14.67
CA ASP D 140 16.39 -15.32 15.59
C ASP D 140 15.51 -16.40 14.96
N VAL D 141 14.87 -17.21 15.81
CA VAL D 141 13.92 -18.22 15.35
C VAL D 141 12.89 -18.43 16.46
N ASN D 142 11.70 -17.86 16.25
CA ASN D 142 10.57 -17.97 17.19
C ASN D 142 10.77 -17.34 18.58
N SER D 143 11.69 -16.38 18.69
CA SER D 143 11.98 -15.70 19.96
C SER D 143 12.90 -14.48 19.76
N ILE D 144 12.96 -13.59 20.75
CA ILE D 144 13.81 -12.41 20.67
C ILE D 144 15.23 -12.69 21.15
N LYS D 145 15.42 -13.79 21.87
CA LYS D 145 16.75 -14.14 22.35
C LYS D 145 17.47 -14.80 21.20
N SER D 146 18.22 -13.99 20.45
CA SER D 146 18.98 -14.43 19.27
C SER D 146 19.65 -15.83 19.35
N ILE D 147 19.62 -16.54 18.24
CA ILE D 147 20.18 -17.89 18.12
C ILE D 147 21.70 -17.82 18.02
N ASN D 148 22.22 -16.64 17.75
CA ASN D 148 23.65 -16.38 17.63
C ASN D 148 23.74 -14.88 17.44
N THR D 149 24.91 -14.31 17.71
CA THR D 149 25.09 -12.87 17.61
C THR D 149 26.49 -12.52 17.11
N LYS D 150 26.70 -11.27 16.72
CA LYS D 150 28.01 -10.77 16.29
C LYS D 150 28.03 -9.31 16.63
N SER D 151 28.89 -8.89 17.55
CA SER D 151 28.94 -7.48 17.93
C SER D 151 28.99 -6.64 16.68
N TRP D 152 28.41 -5.48 16.76
CA TRP D 152 28.34 -4.59 15.63
C TRP D 152 28.57 -3.17 16.13
N LYS D 153 29.36 -2.40 15.40
CA LYS D 153 29.61 -1.02 15.80
C LYS D 153 28.76 -0.13 14.89
N LEU D 154 27.67 0.37 15.45
CA LEU D 154 26.74 1.22 14.73
C LEU D 154 27.44 2.47 14.25
N GLN D 155 27.32 2.75 12.96
CA GLN D 155 27.93 3.93 12.36
C GLN D 155 26.78 4.89 12.00
N ASN D 156 26.28 5.56 13.03
CA ASN D 156 25.18 6.50 12.94
C ASN D 156 25.18 7.41 11.70
N GLY D 157 23.99 7.61 11.13
CA GLY D 157 23.82 8.44 9.95
C GLY D 157 24.38 7.84 8.67
N LYS D 158 25.18 6.79 8.79
CA LYS D 158 25.79 6.13 7.63
C LYS D 158 24.99 4.91 7.16
N GLU D 159 24.67 4.88 5.87
CA GLU D 159 23.92 3.77 5.30
C GLU D 159 24.80 2.54 5.28
N ALA D 160 24.15 1.37 5.29
CA ALA D 160 24.85 0.11 5.37
C ALA D 160 24.37 -0.91 4.37
N ASN D 161 25.23 -1.30 3.45
CA ASN D 161 24.86 -2.29 2.45
C ASN D 161 24.82 -3.68 3.09
N VAL D 162 23.65 -4.31 3.15
CA VAL D 162 23.57 -5.65 3.71
C VAL D 162 23.02 -6.64 2.69
N VAL D 163 23.54 -7.87 2.75
CA VAL D 163 23.18 -8.98 1.88
C VAL D 163 22.85 -10.14 2.81
N ILE D 164 21.92 -10.99 2.42
CA ILE D 164 21.52 -12.12 3.26
C ILE D 164 21.09 -13.24 2.34
N ALA D 165 21.86 -14.31 2.30
CA ALA D 165 21.53 -15.41 1.42
C ALA D 165 21.15 -16.61 2.24
N PHE D 166 20.65 -17.64 1.56
CA PHE D 166 20.28 -18.90 2.21
C PHE D 166 20.51 -20.00 1.20
N ASN D 167 21.07 -21.11 1.67
CA ASN D 167 21.34 -22.26 0.82
C ASN D 167 20.34 -23.31 1.31
N GLY D 168 19.30 -23.55 0.53
CA GLY D 168 18.28 -24.52 0.92
C GLY D 168 18.81 -25.90 1.20
N ALA D 169 19.98 -26.19 0.66
CA ALA D 169 20.65 -27.47 0.82
C ALA D 169 21.43 -27.53 2.13
N THR D 170 22.48 -26.72 2.23
CA THR D 170 23.32 -26.69 3.42
C THR D 170 22.71 -25.89 4.56
N ASN D 171 21.47 -25.44 4.37
CA ASN D 171 20.73 -24.66 5.36
C ASN D 171 21.52 -23.62 6.14
N VAL D 172 22.49 -22.98 5.48
CA VAL D 172 23.30 -21.96 6.14
C VAL D 172 22.89 -20.55 5.73
N LEU D 173 22.50 -19.77 6.75
CA LEU D 173 22.06 -18.39 6.59
C LEU D 173 23.24 -17.44 6.78
N THR D 174 23.67 -16.77 5.72
CA THR D 174 24.79 -15.84 5.81
C THR D 174 24.37 -14.38 5.86
N VAL D 175 24.31 -13.80 7.05
CA VAL D 175 23.98 -12.39 7.18
C VAL D 175 25.28 -11.64 6.81
N SER D 176 25.20 -10.41 6.32
CA SER D 176 26.43 -9.71 5.98
C SER D 176 26.24 -8.21 5.91
N LEU D 177 26.76 -7.49 6.91
CA LEU D 177 26.60 -6.04 6.95
C LEU D 177 27.93 -5.34 6.74
N THR D 178 27.99 -4.51 5.71
CA THR D 178 29.20 -3.76 5.41
C THR D 178 28.92 -2.28 5.20
N TYR D 179 29.72 -1.43 5.84
CA TYR D 179 29.56 0.02 5.70
C TYR D 179 30.45 0.49 4.54
N PRO D 180 29.82 0.94 3.44
CA PRO D 180 30.47 1.42 2.22
C PRO D 180 31.61 2.43 2.36
N ASN D 181 31.79 2.96 3.57
CA ASN D 181 32.88 3.92 3.80
C ASN D 181 34.09 3.21 4.42
N ASN E 1 23.98 13.08 26.45
CA ASN E 1 24.95 12.33 27.29
C ASN E 1 26.28 12.27 26.55
N GLU F 1 35.69 0.82 4.41
CA GLU F 1 35.68 -0.65 4.18
C GLU F 1 35.60 -1.33 5.54
N THR F 2 34.41 -1.75 5.94
CA THR F 2 34.24 -2.41 7.24
C THR F 2 33.06 -3.37 7.16
N SER F 3 33.34 -4.67 7.27
CA SER F 3 32.31 -5.68 7.18
C SER F 3 32.05 -6.44 8.48
N TYR F 4 30.91 -7.10 8.52
CA TYR F 4 30.49 -7.91 9.65
C TYR F 4 29.79 -9.08 8.98
N THR F 5 30.08 -10.28 9.44
CA THR F 5 29.49 -11.47 8.86
C THR F 5 29.01 -12.36 9.97
N LEU F 6 28.07 -13.23 9.64
CA LEU F 6 27.54 -14.16 10.60
C LEU F 6 26.70 -15.13 9.79
N ASN F 7 27.15 -16.38 9.72
CA ASN F 7 26.43 -17.40 9.00
C ASN F 7 26.22 -18.58 9.93
N GLU F 8 24.97 -18.77 10.31
CA GLU F 8 24.56 -19.83 11.21
C GLU F 8 23.73 -20.85 10.41
N VAL F 9 23.58 -22.06 10.94
CA VAL F 9 22.79 -23.10 10.26
C VAL F 9 21.37 -23.10 10.82
N VAL F 10 20.39 -22.98 9.94
CA VAL F 10 19.00 -22.97 10.35
C VAL F 10 18.10 -23.59 9.30
N PRO F 11 17.38 -24.65 9.66
CA PRO F 11 16.46 -25.31 8.71
C PRO F 11 15.10 -24.59 8.70
N LEU F 12 14.85 -23.80 7.66
CA LEU F 12 13.59 -23.05 7.53
C LEU F 12 12.37 -23.95 7.57
N LYS F 13 12.50 -25.12 6.97
CA LYS F 13 11.44 -26.11 6.93
C LYS F 13 10.81 -26.29 8.31
N GLU F 14 11.65 -26.71 9.25
CA GLU F 14 11.24 -26.95 10.62
C GLU F 14 10.60 -25.75 11.31
N PHE F 15 10.72 -24.56 10.73
CA PHE F 15 10.16 -23.36 11.36
C PHE F 15 9.10 -22.52 10.63
N VAL F 16 9.41 -22.03 9.44
CA VAL F 16 8.47 -21.18 8.70
C VAL F 16 7.53 -21.98 7.80
N PRO F 17 6.33 -21.43 7.50
CA PRO F 17 5.37 -22.13 6.63
C PRO F 17 5.89 -22.19 5.20
N GLU F 18 5.20 -22.93 4.35
CA GLU F 18 5.60 -23.05 2.94
C GLU F 18 5.51 -21.70 2.26
N TRP F 19 4.39 -21.02 2.49
CA TRP F 19 4.16 -19.70 1.92
C TRP F 19 4.39 -18.73 3.04
N VAL F 20 5.34 -17.85 2.82
CA VAL F 20 5.66 -16.85 3.82
C VAL F 20 5.60 -15.49 3.18
N ARG F 21 5.66 -14.48 4.03
CA ARG F 21 5.68 -13.12 3.57
C ARG F 21 6.91 -12.54 4.23
N ILE F 22 7.81 -12.01 3.41
CA ILE F 22 9.02 -11.43 3.92
C ILE F 22 8.87 -9.92 3.97
N GLY F 23 9.61 -9.29 4.87
CA GLY F 23 9.53 -7.85 5.00
C GLY F 23 10.52 -7.32 6.01
N PHE F 24 10.44 -6.02 6.29
CA PHE F 24 11.32 -5.38 7.25
C PHE F 24 10.55 -4.97 8.50
N SER F 25 11.28 -4.59 9.54
CA SER F 25 10.66 -4.15 10.77
C SER F 25 11.61 -3.25 11.53
N ALA F 26 11.04 -2.38 12.37
CA ALA F 26 11.84 -1.46 13.18
C ALA F 26 10.96 -0.95 14.30
N THR F 27 11.55 -0.59 15.43
CA THR F 27 10.78 -0.10 16.56
C THR F 27 11.58 0.87 17.40
N THR F 28 10.93 1.41 18.41
CA THR F 28 11.58 2.32 19.35
C THR F 28 10.87 2.05 20.66
N GLY F 29 11.26 2.79 21.69
CA GLY F 29 10.66 2.64 23.01
C GLY F 29 11.01 3.90 23.78
N ALA F 30 11.63 3.74 24.94
CA ALA F 30 12.03 4.86 25.75
C ALA F 30 13.13 5.60 25.00
N GLU F 31 13.92 4.84 24.23
CA GLU F 31 14.99 5.41 23.44
C GLU F 31 14.54 5.32 21.98
N PHE F 32 15.09 6.14 21.09
CA PHE F 32 14.63 6.12 19.72
C PHE F 32 15.65 6.50 18.67
N ALA F 33 15.25 6.31 17.42
CA ALA F 33 16.05 6.63 16.25
C ALA F 33 15.21 6.36 15.00
N ALA F 34 15.53 7.03 13.91
CA ALA F 34 14.80 6.83 12.67
C ALA F 34 15.42 5.70 11.86
N HIS F 35 14.64 4.64 11.63
CA HIS F 35 15.10 3.50 10.86
C HIS F 35 14.47 3.57 9.47
N GLU F 36 15.29 3.77 8.44
CA GLU F 36 14.80 3.86 7.07
C GLU F 36 15.61 3.05 6.07
N VAL F 37 14.94 2.47 5.09
CA VAL F 37 15.57 1.64 4.06
C VAL F 37 15.65 2.45 2.77
N LEU F 38 16.61 2.11 1.92
CA LEU F 38 16.83 2.85 0.67
C LEU F 38 16.63 2.06 -0.63
N SER F 39 16.87 0.76 -0.59
CA SER F 39 16.69 -0.08 -1.76
C SER F 39 16.46 -1.50 -1.26
N TRP F 40 15.84 -2.36 -2.06
CA TRP F 40 15.53 -3.71 -1.62
C TRP F 40 15.56 -4.62 -2.83
N TYR F 41 16.24 -5.75 -2.69
CA TYR F 41 16.37 -6.73 -3.76
C TYR F 41 16.07 -8.08 -3.13
N PHE F 42 15.47 -8.99 -3.90
CA PHE F 42 15.13 -10.32 -3.40
C PHE F 42 14.97 -11.30 -4.55
N ASN F 43 15.18 -12.59 -4.27
CA ASN F 43 15.06 -13.63 -5.30
C ASN F 43 14.94 -15.01 -4.66
N SER F 44 13.92 -15.77 -5.06
CA SER F 44 13.72 -17.11 -4.57
C SER F 44 13.81 -18.02 -5.78
N GLU F 45 14.39 -19.19 -5.58
CA GLU F 45 14.56 -20.19 -6.61
C GLU F 45 14.28 -21.49 -5.89
N LEU F 46 13.06 -21.99 -6.08
CA LEU F 46 12.65 -23.26 -5.48
C LEU F 46 12.35 -24.21 -6.64
N SER F 47 12.85 -25.43 -6.53
CA SER F 47 12.63 -26.46 -7.54
C SER F 47 11.77 -27.49 -6.85
N VAL F 48 12.04 -27.75 -5.66
N THR G 1 -5.79 41.61 -3.63
CA THR G 1 -6.04 41.00 -2.30
C THR G 1 -7.47 40.47 -2.19
N GLU G 2 -7.74 39.84 -1.06
CA GLU G 2 -9.02 39.25 -0.74
C GLU G 2 -8.89 38.90 0.73
N THR G 3 -9.94 39.16 1.50
CA THR G 3 -9.88 38.85 2.91
C THR G 3 -11.25 38.38 3.37
N THR G 4 -11.25 37.59 4.44
CA THR G 4 -12.44 37.05 5.06
C THR G 4 -11.97 36.82 6.48
N SER G 5 -12.75 37.27 7.46
CA SER G 5 -12.35 37.14 8.86
C SER G 5 -13.58 37.20 9.74
N PHE G 6 -13.45 36.74 10.98
CA PHE G 6 -14.56 36.75 11.90
C PHE G 6 -14.13 36.26 13.27
N SER G 7 -14.94 36.58 14.27
CA SER G 7 -14.66 36.16 15.64
C SER G 7 -15.98 36.00 16.37
N ILE G 8 -16.12 34.93 17.12
CA ILE G 8 -17.34 34.63 17.87
C ILE G 8 -16.87 34.21 19.27
N THR G 9 -17.21 35.00 20.27
CA THR G 9 -16.78 34.70 21.64
C THR G 9 -17.90 34.22 22.57
N LYS G 10 -19.13 34.22 22.08
CA LYS G 10 -20.27 33.76 22.86
C LYS G 10 -21.24 33.25 21.81
N PHE G 11 -21.21 31.94 21.56
CA PHE G 11 -22.08 31.35 20.55
C PHE G 11 -23.54 31.46 20.95
N GLY G 12 -24.16 32.54 20.49
CA GLY G 12 -25.54 32.81 20.82
C GLY G 12 -26.52 31.78 20.31
N PRO G 13 -27.80 31.90 20.72
CA PRO G 13 -28.87 30.98 20.31
C PRO G 13 -29.15 31.26 18.84
N ASP G 14 -29.33 32.54 18.55
CA ASP G 14 -29.56 33.04 17.22
C ASP G 14 -28.15 33.14 16.67
N GLN G 15 -27.83 32.36 15.65
CA GLN G 15 -26.49 32.37 15.07
C GLN G 15 -26.59 32.01 13.59
N PRO G 16 -27.04 32.96 12.76
CA PRO G 16 -27.21 32.72 11.32
C PRO G 16 -25.95 32.78 10.43
N ASN G 17 -24.81 33.16 11.01
CA ASN G 17 -23.56 33.23 10.24
C ASN G 17 -22.79 31.90 10.30
N LEU G 18 -23.47 30.86 10.77
CA LEU G 18 -22.88 29.53 10.91
C LEU G 18 -23.86 28.51 10.31
N ILE G 19 -23.34 27.37 9.87
CA ILE G 19 -24.14 26.28 9.29
C ILE G 19 -23.97 25.04 10.15
N PHE G 20 -25.07 24.54 10.71
CA PHE G 20 -25.03 23.36 11.56
C PHE G 20 -25.45 22.09 10.85
N GLN G 21 -24.56 21.10 10.87
CA GLN G 21 -24.84 19.82 10.23
C GLN G 21 -24.76 18.79 11.34
N GLY G 22 -25.49 17.68 11.20
CA GLY G 22 -25.49 16.66 12.24
C GLY G 22 -26.14 17.19 13.51
N ASP G 23 -25.74 16.69 14.68
CA ASP G 23 -26.32 17.16 15.92
C ASP G 23 -25.67 18.45 16.42
N GLY G 24 -24.90 19.09 15.55
CA GLY G 24 -24.21 20.30 15.93
C GLY G 24 -25.16 21.43 16.28
N TYR G 25 -25.30 21.72 17.56
CA TYR G 25 -26.18 22.81 17.94
C TYR G 25 -25.45 23.93 18.69
N THR G 26 -26.15 24.58 19.61
CA THR G 26 -25.56 25.65 20.38
C THR G 26 -26.38 25.76 21.66
N THR G 27 -25.70 26.08 22.76
CA THR G 27 -26.33 26.24 24.07
C THR G 27 -25.29 26.79 25.04
N LYS G 28 -25.71 27.58 26.02
CA LYS G 28 -24.81 28.11 27.05
C LYS G 28 -23.71 29.02 26.48
N GLU G 29 -24.02 29.68 25.37
CA GLU G 29 -23.06 30.55 24.66
C GLU G 29 -21.86 29.73 24.20
N ARG G 30 -22.08 28.42 24.13
CA ARG G 30 -21.09 27.43 23.73
C ARG G 30 -21.57 26.71 22.47
N LEU G 31 -20.69 26.55 21.50
CA LEU G 31 -21.02 25.83 20.27
C LEU G 31 -20.89 24.34 20.57
N THR G 32 -22.00 23.61 20.56
CA THR G 32 -21.96 22.18 20.85
C THR G 32 -21.83 21.34 19.61
N LEU G 33 -20.69 20.69 19.45
CA LEU G 33 -20.50 19.83 18.31
C LEU G 33 -21.00 18.43 18.66
N THR G 34 -20.95 18.08 19.94
CA THR G 34 -21.40 16.77 20.40
C THR G 34 -21.60 16.74 21.93
N LYS G 35 -22.69 16.13 22.35
CA LYS G 35 -22.99 15.97 23.78
C LYS G 35 -22.56 14.56 24.11
N ALA G 36 -21.93 14.36 25.27
CA ALA G 36 -21.47 13.04 25.69
C ALA G 36 -22.52 11.95 25.45
N VAL G 37 -22.61 11.48 24.21
CA VAL G 37 -23.57 10.46 23.81
C VAL G 37 -22.91 9.56 22.76
N ARG G 38 -23.49 8.37 22.55
CA ARG G 38 -22.94 7.45 21.57
C ARG G 38 -23.14 7.97 20.16
N ASN G 39 -22.47 7.31 19.23
CA ASN G 39 -22.51 7.60 17.79
C ASN G 39 -23.16 8.89 17.27
N THR G 40 -22.85 10.03 17.86
CA THR G 40 -23.41 11.28 17.34
C THR G 40 -22.36 11.95 16.46
N VAL G 41 -22.77 12.94 15.67
CA VAL G 41 -21.86 13.65 14.79
C VAL G 41 -22.32 15.10 14.72
N GLY G 42 -21.42 16.02 15.01
CA GLY G 42 -21.78 17.41 14.94
C GLY G 42 -20.72 18.15 14.16
N ARG G 43 -21.14 19.02 13.25
CA ARG G 43 -20.22 19.82 12.47
C ARG G 43 -20.89 21.17 12.38
N ALA G 44 -20.11 22.20 12.08
CA ALA G 44 -20.61 23.56 11.96
C ALA G 44 -19.61 24.33 11.14
N LEU G 45 -20.06 25.02 10.10
CA LEU G 45 -19.12 25.75 9.26
C LEU G 45 -19.44 27.23 9.16
N TYR G 46 -18.42 28.05 8.93
CA TYR G 46 -18.63 29.48 8.78
C TYR G 46 -19.38 29.58 7.46
N SER G 47 -20.38 30.45 7.42
CA SER G 47 -21.23 30.62 6.25
C SER G 47 -20.60 30.92 4.89
N SER G 48 -19.94 32.07 4.77
CA SER G 48 -19.32 32.48 3.52
C SER G 48 -18.16 31.61 3.07
N PRO G 49 -18.16 31.18 1.81
CA PRO G 49 -17.04 30.36 1.35
C PRO G 49 -15.83 31.29 1.19
N ILE G 50 -14.70 30.91 1.77
CA ILE G 50 -13.50 31.75 1.68
C ILE G 50 -12.70 31.40 0.42
N HIS G 51 -12.05 32.40 -0.16
CA HIS G 51 -11.21 32.21 -1.34
C HIS G 51 -9.82 31.87 -0.81
N ILE G 52 -9.52 30.58 -0.72
CA ILE G 52 -8.23 30.12 -0.20
C ILE G 52 -7.03 30.25 -1.15
N TRP G 53 -7.23 30.04 -2.45
CA TRP G 53 -6.13 30.22 -3.40
C TRP G 53 -6.64 30.65 -4.79
N ASP G 54 -5.83 31.46 -5.48
CA ASP G 54 -6.21 31.98 -6.79
C ASP G 54 -5.52 31.22 -7.90
N SER G 55 -6.30 30.55 -8.74
CA SER G 55 -5.75 29.78 -9.83
C SER G 55 -5.04 30.64 -10.87
N LYS G 56 -5.78 31.56 -11.50
CA LYS G 56 -5.26 32.45 -12.54
C LYS G 56 -3.87 33.06 -12.26
N THR G 57 -3.58 33.29 -10.99
CA THR G 57 -2.30 33.89 -10.61
C THR G 57 -1.47 32.95 -9.73
N GLY G 58 -1.91 31.70 -9.66
CA GLY G 58 -1.22 30.67 -8.90
C GLY G 58 -0.85 30.94 -7.45
N ASN G 59 -1.25 32.07 -6.90
CA ASN G 59 -0.93 32.38 -5.51
C ASN G 59 -1.72 31.48 -4.57
N VAL G 60 -1.47 31.65 -3.29
CA VAL G 60 -2.15 30.88 -2.26
C VAL G 60 -2.38 31.90 -1.15
N ALA G 61 -3.39 31.63 -0.32
CA ALA G 61 -3.69 32.53 0.78
C ALA G 61 -3.03 32.06 2.05
N ASN G 62 -2.46 33.02 2.77
CA ASN G 62 -1.84 32.71 4.05
C ASN G 62 -3.05 32.71 4.96
N PHE G 63 -2.98 32.10 6.14
CA PHE G 63 -4.14 32.13 7.02
C PHE G 63 -3.89 31.71 8.46
N VAL G 64 -4.76 32.14 9.34
CA VAL G 64 -4.66 31.82 10.76
C VAL G 64 -6.04 31.79 11.42
N THR G 65 -6.21 30.84 12.32
CA THR G 65 -7.44 30.68 13.06
C THR G 65 -6.97 30.33 14.46
N SER G 66 -7.85 30.46 15.44
CA SER G 66 -7.51 30.16 16.82
C SER G 66 -8.84 29.90 17.48
N PHE G 67 -8.84 29.04 18.48
CA PHE G 67 -10.07 28.70 19.16
C PHE G 67 -9.79 28.00 20.47
N THR G 68 -10.73 28.08 21.38
CA THR G 68 -10.60 27.43 22.67
C THR G 68 -11.71 26.40 22.71
N PHE G 69 -11.36 25.17 23.09
CA PHE G 69 -12.36 24.11 23.18
C PHE G 69 -12.24 23.28 24.45
N VAL G 70 -13.25 22.46 24.69
CA VAL G 70 -13.32 21.63 25.87
C VAL G 70 -13.89 20.27 25.51
N ILE G 71 -13.21 19.22 25.94
CA ILE G 71 -13.68 17.86 25.70
C ILE G 71 -13.99 17.28 27.07
N ASP G 72 -15.23 17.48 27.50
CA ASP G 72 -15.68 17.00 28.78
C ASP G 72 -16.09 15.55 28.62
N ALA G 73 -15.17 14.64 28.93
CA ALA G 73 -15.44 13.20 28.86
C ALA G 73 -15.78 12.73 30.26
N PRO G 74 -16.85 11.94 30.39
CA PRO G 74 -17.32 11.41 31.67
C PRO G 74 -16.39 10.37 32.30
N ASN G 75 -15.12 10.38 31.90
CA ASN G 75 -14.09 9.48 32.39
C ASN G 75 -12.85 9.76 31.55
N SER G 76 -11.70 9.97 32.21
CA SER G 76 -10.45 10.24 31.49
C SER G 76 -10.01 9.04 30.66
N TYR G 77 -10.53 7.87 31.00
CA TYR G 77 -10.18 6.63 30.34
C TYR G 77 -10.77 6.39 28.94
N ASN G 78 -12.05 6.01 28.90
CA ASN G 78 -12.75 5.68 27.66
C ASN G 78 -13.13 6.81 26.69
N VAL G 79 -12.35 7.87 26.62
CA VAL G 79 -12.66 8.99 25.73
C VAL G 79 -12.66 8.59 24.24
N ALA G 80 -13.60 9.17 23.49
CA ALA G 80 -13.75 8.94 22.05
C ALA G 80 -14.69 10.03 21.48
N ASP G 81 -14.51 10.43 20.23
CA ASP G 81 -13.47 9.89 19.37
C ASP G 81 -12.50 10.94 18.81
N GLY G 82 -12.89 12.21 18.85
CA GLY G 82 -12.02 13.26 18.35
C GLY G 82 -12.72 14.50 17.80
N PHE G 83 -12.00 15.61 17.82
CA PHE G 83 -12.47 16.92 17.35
C PHE G 83 -11.62 17.29 16.13
N THR G 84 -12.18 18.05 15.21
CA THR G 84 -11.46 18.42 13.99
C THR G 84 -11.73 19.85 13.55
N PHE G 85 -10.78 20.41 12.81
CA PHE G 85 -10.92 21.72 12.23
C PHE G 85 -10.57 21.34 10.80
N PHE G 86 -11.44 21.65 9.84
CA PHE G 86 -11.15 21.27 8.46
C PHE G 86 -11.39 22.30 7.39
N ILE G 87 -10.88 21.96 6.21
CA ILE G 87 -11.00 22.77 5.03
C ILE G 87 -11.63 21.75 4.08
N ALA G 88 -12.59 22.18 3.26
CA ALA G 88 -13.27 21.26 2.37
C ALA G 88 -14.03 22.06 1.34
N PRO G 89 -14.59 21.39 0.30
CA PRO G 89 -15.34 22.16 -0.69
C PRO G 89 -16.63 22.72 -0.07
N VAL G 90 -17.18 23.75 -0.70
CA VAL G 90 -18.40 24.41 -0.24
C VAL G 90 -19.54 23.45 0.04
N ASP G 91 -19.66 22.43 -0.80
CA ASP G 91 -20.72 21.43 -0.69
C ASP G 91 -20.43 20.34 0.33
N THR G 92 -19.55 20.64 1.27
CA THR G 92 -19.19 19.66 2.27
C THR G 92 -20.32 19.30 3.22
N LYS G 93 -20.85 18.09 3.09
CA LYS G 93 -21.91 17.65 4.01
C LYS G 93 -21.20 16.68 4.96
N PRO G 94 -21.85 16.25 6.04
CA PRO G 94 -21.14 15.32 6.94
C PRO G 94 -20.69 14.01 6.25
N GLN G 95 -19.74 13.32 6.86
CA GLN G 95 -19.24 12.06 6.33
C GLN G 95 -19.34 10.98 7.39
N THR G 96 -18.52 9.94 7.27
CA THR G 96 -18.53 8.81 8.20
C THR G 96 -18.19 9.22 9.62
N GLY G 97 -18.81 8.59 10.61
CA GLY G 97 -18.53 8.91 11.99
C GLY G 97 -17.39 8.13 12.61
N GLY G 98 -17.56 7.78 13.88
CA GLY G 98 -16.55 7.02 14.59
C GLY G 98 -15.17 7.62 14.46
N GLY G 99 -14.19 6.76 14.19
CA GLY G 99 -12.82 7.21 14.05
C GLY G 99 -12.60 8.17 12.90
N TYR G 100 -13.54 8.22 11.95
CA TYR G 100 -13.40 9.10 10.79
C TYR G 100 -13.65 10.57 11.09
N LEU G 101 -13.98 10.85 12.36
CA LEU G 101 -14.22 12.21 12.82
C LEU G 101 -15.20 12.98 11.92
N GLY G 102 -16.17 12.26 11.36
CA GLY G 102 -17.14 12.88 10.48
C GLY G 102 -16.58 13.57 9.25
N VAL G 103 -15.27 13.55 9.06
CA VAL G 103 -14.68 14.24 7.91
C VAL G 103 -14.25 13.32 6.76
N PHE G 104 -13.87 12.09 7.08
CA PHE G 104 -13.40 11.13 6.08
C PHE G 104 -14.16 9.82 5.96
N ASN G 105 -13.84 9.08 4.90
CA ASN G 105 -14.49 7.79 4.64
C ASN G 105 -13.55 6.59 4.77
N SER G 106 -12.25 6.78 4.50
CA SER G 106 -11.32 5.66 4.58
C SER G 106 -9.91 6.10 4.89
N LYS G 107 -9.02 5.13 5.07
CA LYS G 107 -7.60 5.38 5.37
C LYS G 107 -6.78 5.46 4.09
N ASP G 108 -7.41 5.16 2.96
CA ASP G 108 -6.76 5.20 1.67
C ASP G 108 -6.92 6.64 1.18
N TYR G 109 -5.80 7.30 0.92
CA TYR G 109 -5.81 8.67 0.44
C TYR G 109 -6.67 8.75 -0.80
N ASP G 110 -7.74 9.52 -0.71
CA ASP G 110 -8.70 9.67 -1.80
C ASP G 110 -8.76 11.09 -2.36
N LYS G 111 -8.61 11.19 -3.68
CA LYS G 111 -8.65 12.45 -4.40
C LYS G 111 -9.98 13.20 -4.16
N THR G 112 -11.07 12.44 -4.09
CA THR G 112 -12.40 13.00 -3.89
C THR G 112 -12.62 13.94 -2.69
N SER G 113 -12.10 13.59 -1.52
CA SER G 113 -12.27 14.41 -0.32
C SER G 113 -11.91 15.89 -0.46
N GLN G 114 -10.71 16.18 -0.95
CA GLN G 114 -10.24 17.55 -1.07
C GLN G 114 -10.47 18.18 0.30
N THR G 115 -10.04 17.46 1.34
CA THR G 115 -10.21 17.88 2.72
C THR G 115 -8.97 17.76 3.62
N VAL G 116 -8.36 18.91 3.91
CA VAL G 116 -7.21 18.99 4.79
C VAL G 116 -7.87 19.22 6.16
N ALA G 117 -7.38 18.56 7.20
CA ALA G 117 -7.98 18.71 8.51
C ALA G 117 -7.01 18.49 9.66
N VAL G 118 -7.08 19.35 10.67
CA VAL G 118 -6.25 19.26 11.87
C VAL G 118 -7.05 18.49 12.90
N GLU G 119 -6.65 17.26 13.17
CA GLU G 119 -7.38 16.43 14.11
C GLU G 119 -6.80 16.26 15.52
N PHE G 120 -7.70 16.25 16.49
CA PHE G 120 -7.35 16.08 17.87
C PHE G 120 -8.05 14.78 18.26
N ASP G 121 -7.53 13.65 17.73
CA ASP G 121 -8.08 12.32 17.98
C ASP G 121 -7.83 11.90 19.43
N THR G 122 -8.86 11.31 20.05
CA THR G 122 -8.79 10.83 21.42
C THR G 122 -9.12 9.33 21.51
N PHE G 123 -9.00 8.61 20.40
CA PHE G 123 -9.28 7.18 20.38
C PHE G 123 -8.36 6.54 19.38
N TYR G 124 -7.68 5.49 19.82
CA TYR G 124 -6.74 4.76 18.98
C TYR G 124 -7.45 3.70 18.15
N ASN G 125 -7.40 3.91 16.84
CA ASN G 125 -8.00 3.03 15.86
C ASN G 125 -6.84 2.29 15.23
N THR G 126 -6.66 1.05 15.66
CA THR G 126 -5.57 0.19 15.18
C THR G 126 -5.32 0.23 13.66
N ALA G 127 -6.40 0.26 12.87
CA ALA G 127 -6.28 0.25 11.42
C ALA G 127 -5.57 1.44 10.77
N TRP G 128 -5.53 2.59 11.46
CA TRP G 128 -4.89 3.76 10.87
C TRP G 128 -4.24 4.74 11.85
N ASP G 129 -4.24 4.42 13.14
CA ASP G 129 -3.67 5.32 14.14
C ASP G 129 -2.25 5.00 14.58
N PRO G 130 -1.55 5.99 15.19
CA PRO G 130 -0.17 5.82 15.67
C PRO G 130 -0.03 4.60 16.58
N SER G 131 1.05 3.85 16.36
CA SER G 131 1.33 2.62 17.10
C SER G 131 1.36 2.73 18.61
N ASN G 132 1.80 3.87 19.13
CA ASN G 132 1.86 4.04 20.57
C ASN G 132 0.46 4.09 21.18
N GLY G 133 -0.56 4.25 20.33
CA GLY G 133 -1.93 4.29 20.80
C GLY G 133 -2.22 5.49 21.67
N ASP G 134 -1.41 6.54 21.52
CA ASP G 134 -1.56 7.74 22.30
C ASP G 134 -2.51 8.75 21.65
N ARG G 135 -3.34 9.40 22.47
CA ARG G 135 -4.27 10.43 21.97
C ARG G 135 -3.32 11.39 21.28
N HIS G 136 -3.77 12.08 20.23
CA HIS G 136 -2.83 12.91 19.52
C HIS G 136 -3.42 13.89 18.53
N ILE G 137 -2.64 14.94 18.27
CA ILE G 137 -3.00 15.95 17.30
C ILE G 137 -2.47 15.29 16.05
N GLY G 138 -2.90 15.76 14.88
CA GLY G 138 -2.41 15.18 13.63
C GLY G 138 -3.00 15.85 12.42
N ILE G 139 -2.23 15.93 11.36
CA ILE G 139 -2.74 16.55 10.14
C ILE G 139 -3.33 15.42 9.30
N ASP G 140 -4.38 15.76 8.56
CA ASP G 140 -5.06 14.82 7.69
C ASP G 140 -5.20 15.52 6.36
N VAL G 141 -5.09 14.76 5.28
CA VAL G 141 -5.23 15.29 3.94
C VAL G 141 -5.70 14.18 3.00
N ASN G 142 -7.02 14.09 2.87
CA ASN G 142 -7.68 13.10 2.04
C ASN G 142 -7.71 11.73 2.66
N SER G 143 -7.58 11.67 3.98
CA SER G 143 -7.61 10.39 4.71
C SER G 143 -7.63 10.62 6.21
N ILE G 144 -8.16 9.64 6.92
CA ILE G 144 -8.24 9.71 8.37
C ILE G 144 -6.93 9.25 8.99
N LYS G 145 -6.02 8.81 8.12
CA LYS G 145 -4.71 8.32 8.53
C LYS G 145 -3.78 9.50 8.32
N SER G 146 -3.40 10.13 9.42
CA SER G 146 -2.55 11.30 9.39
C SER G 146 -1.24 11.15 8.62
N ILE G 147 -0.64 12.30 8.30
CA ILE G 147 0.62 12.32 7.60
C ILE G 147 1.63 12.98 8.53
N ASN G 148 1.33 12.97 9.82
CA ASN G 148 2.19 13.57 10.85
C ASN G 148 1.39 13.74 12.14
N THR G 149 1.88 13.20 13.25
CA THR G 149 1.15 13.34 14.50
C THR G 149 2.00 13.91 15.62
N LYS G 150 1.45 13.85 16.83
CA LYS G 150 2.10 14.32 18.05
C LYS G 150 1.23 13.91 19.22
N SER G 151 1.81 13.14 20.13
CA SER G 151 1.09 12.69 21.31
C SER G 151 0.60 13.92 22.06
N TRP G 152 -0.54 13.80 22.73
CA TRP G 152 -1.12 14.93 23.44
C TRP G 152 -1.80 14.45 24.73
N LYS G 153 -1.44 15.08 25.84
CA LYS G 153 -1.96 14.73 27.15
C LYS G 153 -3.33 15.38 27.41
N LEU G 154 -4.35 14.82 26.79
CA LEU G 154 -5.70 15.33 26.96
C LEU G 154 -5.98 15.52 28.43
N GLN G 155 -6.53 16.67 28.77
CA GLN G 155 -6.88 16.99 30.14
C GLN G 155 -8.39 17.21 30.24
N ASN G 156 -9.07 16.10 30.47
CA ASN G 156 -10.53 16.02 30.57
C ASN G 156 -11.21 17.21 31.28
N GLY G 157 -11.85 18.07 30.49
CA GLY G 157 -12.54 19.22 31.06
C GLY G 157 -11.77 20.54 31.08
N LYS G 158 -10.48 20.51 30.79
CA LYS G 158 -9.70 21.75 30.79
C LYS G 158 -9.88 22.48 29.47
N GLU G 159 -9.92 23.82 29.51
CA GLU G 159 -10.06 24.61 28.28
C GLU G 159 -8.74 24.44 27.53
N ALA G 160 -8.80 24.42 26.21
CA ALA G 160 -7.58 24.25 25.46
C ALA G 160 -7.46 25.22 24.31
N ASN G 161 -6.66 26.27 24.50
CA ASN G 161 -6.46 27.24 23.46
C ASN G 161 -5.80 26.45 22.34
N VAL G 162 -6.04 26.83 21.10
CA VAL G 162 -5.42 26.17 19.95
C VAL G 162 -5.20 27.28 18.91
N VAL G 163 -4.23 27.09 18.02
CA VAL G 163 -3.95 28.07 16.97
C VAL G 163 -3.44 27.25 15.80
N ILE G 164 -3.77 27.66 14.58
CA ILE G 164 -3.34 26.95 13.38
C ILE G 164 -3.03 27.96 12.29
N ALA G 165 -1.75 28.09 11.96
CA ALA G 165 -1.32 29.05 10.95
C ALA G 165 -0.76 28.40 9.70
N PHE G 166 -1.00 29.05 8.55
CA PHE G 166 -0.54 28.56 7.27
C PHE G 166 0.13 29.72 6.57
N ASN G 167 0.95 29.43 5.55
CA ASN G 167 1.68 30.44 4.80
C ASN G 167 1.80 30.00 3.36
N GLY G 168 1.43 30.88 2.43
CA GLY G 168 1.49 30.55 1.01
C GLY G 168 2.88 30.22 0.52
N ALA G 169 3.88 30.90 1.08
CA ALA G 169 5.29 30.70 0.71
C ALA G 169 5.85 29.39 1.28
N THR G 170 5.92 29.29 2.60
CA THR G 170 6.45 28.09 3.22
C THR G 170 5.49 26.90 3.13
N ASN G 171 4.19 27.18 3.11
CA ASN G 171 3.16 26.13 3.05
C ASN G 171 3.26 25.27 4.32
N VAL G 172 3.77 25.90 5.38
CA VAL G 172 3.97 25.20 6.64
C VAL G 172 2.78 25.30 7.58
N LEU G 173 1.99 24.23 7.61
CA LEU G 173 0.84 24.18 8.50
C LEU G 173 1.46 24.15 9.88
N THR G 174 0.96 24.98 10.77
CA THR G 174 1.51 25.02 12.12
C THR G 174 0.38 25.10 13.14
N VAL G 175 0.19 24.02 13.89
CA VAL G 175 -0.86 23.96 14.90
C VAL G 175 -0.22 23.91 16.30
N SER G 176 -0.93 24.37 17.32
CA SER G 176 -0.38 24.36 18.66
C SER G 176 -1.37 24.33 19.81
N LEU G 177 -1.71 23.14 20.27
CA LEU G 177 -2.64 22.96 21.39
C LEU G 177 -1.93 23.63 22.56
N THR G 178 -2.67 24.26 23.44
CA THR G 178 -2.06 24.96 24.56
C THR G 178 -2.92 25.06 25.83
N TYR G 179 -2.88 24.03 26.66
CA TYR G 179 -3.64 24.09 27.92
C TYR G 179 -3.06 25.23 28.75
N PRO G 180 -3.92 26.04 29.39
CA PRO G 180 -3.47 27.17 30.21
C PRO G 180 -2.47 26.70 31.27
N ASN G 181 -1.20 27.01 31.02
CA ASN G 181 -0.11 26.64 31.90
C ASN G 181 0.06 27.75 32.93
N ASN H 1 -14.06 3.09 33.51
CA ASN H 1 -14.05 1.81 34.28
C ASN H 1 -13.04 1.97 35.41
N GLN H 2 -11.76 1.88 35.07
CA GLN H 2 -10.69 2.04 36.04
C GLN H 2 -10.61 3.50 36.47
N THR I 2 2.35 24.57 28.63
CA THR I 2 1.86 23.24 28.19
C THR I 2 1.49 23.33 26.71
N SER I 3 2.51 23.51 25.88
CA SER I 3 2.31 23.63 24.43
C SER I 3 2.51 22.28 23.74
N TYR I 4 2.21 22.27 22.44
CA TYR I 4 2.35 21.11 21.55
C TYR I 4 2.35 21.81 20.21
N THR I 5 3.28 21.48 19.32
CA THR I 5 3.29 22.15 18.02
C THR I 5 3.53 21.20 16.87
N LEU I 6 2.66 21.24 15.89
CA LEU I 6 2.80 20.41 14.72
C LEU I 6 3.07 21.34 13.55
N ASN I 7 3.98 20.92 12.69
CA ASN I 7 4.34 21.69 11.51
C ASN I 7 4.35 20.64 10.42
N GLU I 8 4.12 21.07 9.18
CA GLU I 8 4.13 20.16 8.06
C GLU I 8 4.00 20.92 6.76
N VAL I 9 4.52 20.32 5.69
CA VAL I 9 4.46 20.94 4.39
C VAL I 9 3.21 20.43 3.66
N VAL I 10 2.13 21.19 3.80
CA VAL I 10 0.88 20.83 3.18
C VAL I 10 0.57 21.82 2.07
N PRO I 11 0.91 21.46 0.83
CA PRO I 11 0.65 22.36 -0.29
C PRO I 11 -0.85 22.36 -0.56
N LEU I 12 -1.59 23.13 0.23
CA LEU I 12 -3.05 23.23 0.12
C LEU I 12 -3.55 23.27 -1.32
N LYS I 13 -2.88 24.08 -2.14
CA LYS I 13 -3.25 24.24 -3.54
C LYS I 13 -3.47 22.91 -4.26
N GLU I 14 -2.70 21.90 -3.90
CA GLU I 14 -2.77 20.60 -4.56
C GLU I 14 -3.93 19.66 -4.17
N PHE I 15 -4.51 19.88 -3.00
CA PHE I 15 -5.59 19.01 -2.54
C PHE I 15 -6.96 19.66 -2.46
N VAL I 16 -7.00 20.88 -1.90
CA VAL I 16 -8.27 21.59 -1.73
C VAL I 16 -8.47 22.67 -2.80
N PRO I 17 -9.74 22.92 -3.20
CA PRO I 17 -10.11 23.92 -4.21
C PRO I 17 -9.85 25.37 -3.80
N GLU I 18 -10.13 26.29 -4.70
CA GLU I 18 -9.92 27.71 -4.46
C GLU I 18 -10.85 28.16 -3.36
N TRP I 19 -12.15 28.09 -3.65
CA TRP I 19 -13.20 28.49 -2.71
C TRP I 19 -13.55 27.30 -1.84
N VAL I 20 -13.24 27.40 -0.57
CA VAL I 20 -13.51 26.33 0.36
C VAL I 20 -14.45 26.86 1.43
N ARG I 21 -14.77 26.00 2.39
CA ARG I 21 -15.62 26.38 3.51
C ARG I 21 -14.90 25.76 4.70
N ILE I 22 -14.81 26.48 5.80
CA ILE I 22 -14.11 25.95 6.97
C ILE I 22 -15.03 25.80 8.18
N GLY I 23 -14.67 24.91 9.10
CA GLY I 23 -15.48 24.69 10.29
C GLY I 23 -14.92 23.61 11.19
N PHE I 24 -15.74 23.10 12.10
CA PHE I 24 -15.31 22.06 13.03
C PHE I 24 -16.14 20.77 12.88
N SER I 25 -15.76 19.74 13.61
CA SER I 25 -16.47 18.47 13.60
C SER I 25 -16.01 17.63 14.79
N ALA I 26 -16.90 16.80 15.29
CA ALA I 26 -16.63 15.95 16.42
C ALA I 26 -17.52 14.75 16.21
N THR I 27 -17.12 13.60 16.74
CA THR I 27 -17.90 12.40 16.56
C THR I 27 -17.63 11.47 17.73
N THR I 28 -18.48 10.46 17.88
CA THR I 28 -18.31 9.47 18.92
C THR I 28 -18.66 8.11 18.32
N GLY I 29 -18.72 7.09 19.17
CA GLY I 29 -19.04 5.75 18.70
C GLY I 29 -19.27 4.87 19.91
N ALA I 30 -18.58 3.74 19.96
CA ALA I 30 -18.71 2.83 21.09
C ALA I 30 -18.51 3.59 22.39
N GLU I 31 -17.68 4.63 22.30
CA GLU I 31 -17.37 5.47 23.45
C GLU I 31 -17.78 6.91 23.13
N PHE I 32 -17.87 7.74 24.17
CA PHE I 32 -18.32 9.11 24.00
C PHE I 32 -17.68 10.15 24.89
N ALA I 33 -18.00 11.40 24.60
CA ALA I 33 -17.49 12.54 25.34
C ALA I 33 -18.10 13.77 24.67
N ALA I 34 -18.30 14.84 25.44
CA ALA I 34 -18.86 16.06 24.89
C ALA I 34 -17.76 16.94 24.30
N HIS I 35 -18.01 17.43 23.10
CA HIS I 35 -17.07 18.29 22.39
C HIS I 35 -17.81 19.61 22.17
N GLU I 36 -17.21 20.71 22.59
CA GLU I 36 -17.84 22.01 22.42
C GLU I 36 -16.79 23.09 22.20
N VAL I 37 -17.04 23.98 21.24
CA VAL I 37 -16.12 25.08 20.96
C VAL I 37 -16.61 26.26 21.80
N LEU I 38 -15.70 27.02 22.41
CA LEU I 38 -16.07 28.15 23.26
C LEU I 38 -15.87 29.49 22.56
N SER I 39 -14.98 29.51 21.58
CA SER I 39 -14.68 30.74 20.84
C SER I 39 -14.03 30.35 19.52
N TRP I 40 -14.13 31.22 18.51
CA TRP I 40 -13.52 30.96 17.22
C TRP I 40 -13.18 32.28 16.55
N TYR I 41 -11.98 32.35 15.98
CA TYR I 41 -11.51 33.56 15.31
C TYR I 41 -10.76 33.07 14.06
N PHE I 42 -10.80 33.84 12.98
CA PHE I 42 -10.16 33.43 11.74
C PHE I 42 -9.91 34.58 10.77
N ASN I 43 -8.86 34.45 9.98
CA ASN I 43 -8.49 35.44 8.97
C ASN I 43 -7.67 34.82 7.85
N SER I 44 -8.07 35.13 6.63
CA SER I 44 -7.42 34.66 5.43
C SER I 44 -6.83 35.93 4.81
N GLU I 45 -6.10 35.78 3.70
CA GLU I 45 -5.48 36.92 3.01
C GLU I 45 -4.80 36.44 1.74
N LEU I 46 -5.39 36.74 0.60
CA LEU I 46 -4.82 36.37 -0.68
C LEU I 46 -4.20 37.66 -1.25
N SER I 47 -3.18 37.51 -2.10
CA SER I 47 -2.51 38.66 -2.70
C SER I 47 -3.22 39.17 -3.95
N VAL I 48 -3.65 38.34 -4.77
#